data_1WLE
#
_entry.id   1WLE
#
_cell.length_a   79.864
_cell.length_b   230.350
_cell.length_c   135.590
_cell.angle_alpha   90.00
_cell.angle_beta   90.00
_cell.angle_gamma   90.00
#
_symmetry.space_group_name_H-M   'C 2 2 21'
#
loop_
_entity.id
_entity.type
_entity.pdbx_description
1 polymer 'Seryl-tRNA synthetase'
2 non-polymer 'SERYL ADENYLATE'
3 water water
#
_entity_poly.entity_id   1
_entity_poly.type   'polypeptide(L)'
_entity_poly.pdbx_seq_one_letter_code
;MGHHHHHHSSGLVPRGSATERQDRNLLYEHAREGYSALPLLDMESLCAYPEDAARALDLRKGELRSKDLPGIISTWQELR
QLREQIRSLEEEKEAVTEAVRALVVNQDNSQVQQDPQYQSLRARGREIRKQLTLLYPKEAQLEEQFYLRALRLPNQTHPD
VPVGDESQARVLHVVGDKPAFSFQPRGHLEIAEKLDIIRQKRLSHVSGHRSYYLRGAGALLQHGLVNFTLNKLIHRGFTP
MTVPDLLRGVVFEGCGMTPNAKPSQIYNIDPSRFEDLNLAGTAEVGLAGYFMDHSVAFRDLPIRMVCSSTCYRAETDTGK
EPWGLYRVHHFTKVEMFGVTGPGLEQSSELLEEFLSLQMEILTELGLHFRVLDMPTQELGLPAYRKFDIEAWMPGRGRFG
EVTSASNCTDFQSRRLHIMFQTEAGELQFAHTVNATGCAVPRLLIALLESYQQKDGSVLVPPALQPYLGTDRITTPTHVP
LQYIGPNQPQKPRLPGQPASS
;
_entity_poly.pdbx_strand_id   A,B
#
loop_
_chem_comp.id
_chem_comp.type
_chem_comp.name
_chem_comp.formula
SRP non-polymer 'SERYL ADENYLATE' 'C13 H19 N6 O9 P'
#
# COMPACT_ATOMS: atom_id res chain seq x y z
N ARG A 24 -18.14 11.39 -14.83
CA ARG A 24 -17.73 12.76 -14.44
C ARG A 24 -16.22 12.85 -14.25
N ASN A 25 -15.66 14.02 -14.55
CA ASN A 25 -14.23 14.25 -14.42
C ASN A 25 -13.89 14.63 -12.98
N LEU A 26 -12.97 13.88 -12.38
CA LEU A 26 -12.57 14.13 -10.99
C LEU A 26 -12.01 15.53 -10.76
N LEU A 27 -11.38 16.10 -11.79
CA LEU A 27 -10.82 17.45 -11.68
C LEU A 27 -11.93 18.49 -11.63
N TYR A 28 -12.96 18.29 -12.45
CA TYR A 28 -14.07 19.23 -12.48
C TYR A 28 -14.87 19.14 -11.18
N GLU A 29 -15.16 17.93 -10.74
CA GLU A 29 -15.91 17.73 -9.51
C GLU A 29 -15.17 18.35 -8.32
N HIS A 30 -13.86 18.16 -8.30
CA HIS A 30 -13.01 18.70 -7.25
C HIS A 30 -13.18 20.21 -7.19
N ALA A 31 -13.28 20.84 -8.37
CA ALA A 31 -13.45 22.29 -8.44
C ALA A 31 -14.89 22.68 -8.10
N ARG A 32 -15.84 21.85 -8.53
CA ARG A 32 -17.25 22.10 -8.26
C ARG A 32 -17.48 22.19 -6.76
N GLU A 33 -16.73 21.40 -6.00
CA GLU A 33 -16.85 21.38 -4.54
C GLU A 33 -16.08 22.54 -3.92
N GLY A 34 -15.33 23.25 -4.74
CA GLY A 34 -14.56 24.38 -4.28
C GLY A 34 -13.23 24.06 -3.60
N TYR A 35 -12.78 22.81 -3.73
CA TYR A 35 -11.52 22.40 -3.10
C TYR A 35 -10.32 23.03 -3.79
N SER A 36 -10.46 23.32 -5.08
CA SER A 36 -9.40 23.94 -5.87
C SER A 36 -10.06 24.69 -7.02
N ALA A 37 -9.28 25.50 -7.72
CA ALA A 37 -9.80 26.23 -8.87
C ALA A 37 -9.85 25.26 -10.04
N LEU A 38 -10.58 25.61 -11.08
CA LEU A 38 -10.68 24.76 -12.27
C LEU A 38 -9.33 24.74 -12.96
N PRO A 39 -9.02 23.65 -13.68
CA PRO A 39 -7.73 23.61 -14.37
C PRO A 39 -7.69 24.78 -15.35
N LEU A 40 -6.52 25.35 -15.56
CA LEU A 40 -6.38 26.46 -16.50
C LEU A 40 -5.64 25.98 -17.74
N LEU A 41 -6.41 25.64 -18.77
CA LEU A 41 -5.85 25.16 -20.03
C LEU A 41 -5.46 26.33 -20.93
N ASP A 42 -4.41 26.14 -21.72
CA ASP A 42 -3.94 27.19 -22.61
C ASP A 42 -4.74 27.14 -23.92
N MET A 43 -5.97 27.65 -23.85
CA MET A 43 -6.86 27.68 -25.01
C MET A 43 -6.47 28.69 -26.06
N GLU A 44 -5.87 29.80 -25.65
CA GLU A 44 -5.48 30.84 -26.59
C GLU A 44 -4.45 30.32 -27.60
N SER A 45 -3.56 29.44 -27.14
CA SER A 45 -2.55 28.87 -28.03
C SER A 45 -3.23 27.89 -28.99
N LEU A 46 -4.18 27.13 -28.46
CA LEU A 46 -4.91 26.15 -29.25
C LEU A 46 -5.73 26.84 -30.35
N CYS A 47 -6.49 27.85 -29.96
CA CYS A 47 -7.33 28.59 -30.90
C CYS A 47 -6.50 29.31 -31.96
N ALA A 48 -5.29 29.73 -31.58
CA ALA A 48 -4.40 30.43 -32.49
C ALA A 48 -3.83 29.51 -33.57
N TYR A 49 -3.46 28.30 -33.17
CA TYR A 49 -2.90 27.33 -34.10
C TYR A 49 -3.61 25.99 -33.99
N PRO A 50 -4.90 25.95 -34.38
CA PRO A 50 -5.72 24.73 -34.32
C PRO A 50 -5.27 23.65 -35.30
N GLU A 51 -4.67 24.06 -36.41
CA GLU A 51 -4.20 23.11 -37.40
C GLU A 51 -3.00 22.31 -36.91
N ASP A 52 -2.04 23.01 -36.29
CA ASP A 52 -0.86 22.35 -35.75
C ASP A 52 -1.27 21.35 -34.67
N ALA A 53 -2.19 21.79 -33.81
CA ALA A 53 -2.66 20.94 -32.72
C ALA A 53 -3.40 19.73 -33.29
N ALA A 54 -4.12 19.95 -34.38
CA ALA A 54 -4.89 18.89 -35.03
C ALA A 54 -4.01 17.72 -35.49
N ARG A 55 -2.95 18.04 -36.21
CA ARG A 55 -2.07 16.99 -36.71
C ARG A 55 -1.33 16.33 -35.55
N ALA A 56 -0.91 17.13 -34.57
CA ALA A 56 -0.19 16.61 -33.41
C ALA A 56 -1.07 15.60 -32.68
N LEU A 57 -2.35 15.93 -32.56
CA LEU A 57 -3.30 15.05 -31.89
C LEU A 57 -3.46 13.71 -32.61
N ASP A 58 -3.63 13.78 -33.93
CA ASP A 58 -3.80 12.56 -34.72
C ASP A 58 -2.58 11.64 -34.64
N LEU A 59 -1.39 12.22 -34.64
CA LEU A 59 -0.15 11.42 -34.58
C LEU A 59 -0.03 10.63 -33.27
N ARG A 60 -0.74 11.07 -32.23
CA ARG A 60 -0.69 10.36 -30.96
C ARG A 60 -1.66 9.19 -30.98
N LYS A 61 -2.64 9.27 -31.86
CA LYS A 61 -3.67 8.24 -32.00
C LYS A 61 -4.27 7.87 -30.66
N GLY A 62 -4.64 8.89 -29.89
CA GLY A 62 -5.25 8.66 -28.60
C GLY A 62 -6.77 8.67 -28.69
N GLU A 63 -7.43 9.05 -27.61
CA GLU A 63 -8.88 9.09 -27.56
C GLU A 63 -9.48 10.10 -28.54
N LEU A 64 -9.04 11.35 -28.45
CA LEU A 64 -9.55 12.40 -29.33
C LEU A 64 -8.72 12.56 -30.60
N ARG A 65 -9.37 13.00 -31.66
CA ARG A 65 -8.70 13.20 -32.94
C ARG A 65 -9.04 14.58 -33.51
N SER A 66 -8.48 14.92 -34.66
CA SER A 66 -8.71 16.21 -35.29
C SER A 66 -10.19 16.57 -35.43
N LYS A 67 -11.04 15.56 -35.64
CA LYS A 67 -12.47 15.80 -35.81
C LYS A 67 -13.17 16.19 -34.51
N ASP A 68 -12.41 16.37 -33.44
CA ASP A 68 -13.00 16.74 -32.16
C ASP A 68 -12.64 18.15 -31.72
N LEU A 69 -11.55 18.69 -32.26
CA LEU A 69 -11.11 20.02 -31.91
C LEU A 69 -12.14 21.10 -32.21
N PRO A 70 -12.71 21.09 -33.43
CA PRO A 70 -13.72 22.11 -33.78
C PRO A 70 -14.80 22.26 -32.71
N GLY A 71 -15.32 21.12 -32.25
CA GLY A 71 -16.37 21.15 -31.24
C GLY A 71 -15.88 21.72 -29.92
N ILE A 72 -14.69 21.30 -29.50
CA ILE A 72 -14.11 21.78 -28.25
C ILE A 72 -13.87 23.28 -28.30
N ILE A 73 -13.31 23.75 -29.42
CA ILE A 73 -13.03 25.17 -29.60
C ILE A 73 -14.33 25.97 -29.62
N SER A 74 -15.36 25.40 -30.23
CA SER A 74 -16.66 26.06 -30.33
C SER A 74 -17.33 26.18 -28.96
N THR A 75 -17.30 25.11 -28.18
CA THR A 75 -17.89 25.13 -26.85
C THR A 75 -17.20 26.20 -26.01
N TRP A 76 -15.87 26.26 -26.11
CA TRP A 76 -15.08 27.24 -25.37
C TRP A 76 -15.50 28.66 -25.74
N GLN A 77 -15.66 28.90 -27.05
CA GLN A 77 -16.05 30.21 -27.54
C GLN A 77 -17.47 30.54 -27.09
N GLU A 78 -18.36 29.56 -27.14
CA GLU A 78 -19.75 29.76 -26.72
C GLU A 78 -19.77 30.11 -25.23
N LEU A 79 -18.87 29.48 -24.48
CA LEU A 79 -18.77 29.71 -23.04
C LEU A 79 -18.28 31.13 -22.75
N ARG A 80 -17.31 31.60 -23.51
CA ARG A 80 -16.78 32.95 -23.32
C ARG A 80 -17.85 33.98 -23.65
N GLN A 81 -18.63 33.70 -24.69
CA GLN A 81 -19.69 34.61 -25.11
C GLN A 81 -20.80 34.63 -24.07
N LEU A 82 -21.18 33.45 -23.59
CA LEU A 82 -22.22 33.34 -22.58
C LEU A 82 -21.85 34.16 -21.34
N ARG A 83 -20.58 34.07 -20.96
CA ARG A 83 -20.08 34.81 -19.80
C ARG A 83 -20.12 36.31 -20.06
N GLU A 84 -19.85 36.72 -21.29
CA GLU A 84 -19.88 38.14 -21.64
C GLU A 84 -21.33 38.62 -21.59
N GLN A 85 -22.25 37.78 -22.08
CA GLN A 85 -23.66 38.12 -22.07
C GLN A 85 -24.16 38.25 -20.64
N ILE A 86 -23.65 37.39 -19.76
CA ILE A 86 -24.02 37.41 -18.36
C ILE A 86 -23.48 38.69 -17.71
N ARG A 87 -22.25 39.04 -18.07
CA ARG A 87 -21.64 40.25 -17.53
C ARG A 87 -22.46 41.48 -17.92
N SER A 88 -22.83 41.56 -19.19
CA SER A 88 -23.63 42.70 -19.66
C SER A 88 -24.92 42.83 -18.90
N LEU A 89 -25.62 41.71 -18.68
CA LEU A 89 -26.88 41.72 -17.96
C LEU A 89 -26.70 42.09 -16.49
N GLU A 90 -25.64 41.59 -15.86
CA GLU A 90 -25.39 41.91 -14.46
C GLU A 90 -25.09 43.39 -14.31
N GLU A 91 -24.42 43.95 -15.32
CA GLU A 91 -24.08 45.36 -15.30
C GLU A 91 -25.32 46.21 -15.55
N GLU A 92 -26.18 45.77 -16.47
CA GLU A 92 -27.40 46.51 -16.75
C GLU A 92 -28.34 46.47 -15.55
N LYS A 93 -28.31 45.37 -14.81
CA LYS A 93 -29.16 45.24 -13.64
C LYS A 93 -28.83 46.35 -12.66
N GLU A 94 -27.53 46.56 -12.44
CA GLU A 94 -27.07 47.61 -11.54
C GLU A 94 -27.46 48.99 -12.05
N ALA A 95 -27.33 49.19 -13.35
CA ALA A 95 -27.69 50.46 -13.96
C ALA A 95 -29.17 50.76 -13.73
N VAL A 96 -30.01 49.73 -13.88
CA VAL A 96 -31.45 49.89 -13.68
C VAL A 96 -31.75 50.25 -12.23
N THR A 97 -31.16 49.51 -11.30
CA THR A 97 -31.37 49.74 -9.88
C THR A 97 -30.99 51.17 -9.51
N GLU A 98 -29.94 51.69 -10.15
CA GLU A 98 -29.49 53.05 -9.89
C GLU A 98 -30.44 54.08 -10.48
N ALA A 99 -30.96 53.79 -11.67
CA ALA A 99 -31.89 54.70 -12.32
C ALA A 99 -33.16 54.82 -11.46
N VAL A 100 -33.51 53.71 -10.81
CA VAL A 100 -34.68 53.68 -9.95
C VAL A 100 -34.45 54.53 -8.70
N ARG A 101 -33.30 54.33 -8.07
CA ARG A 101 -32.95 55.07 -6.86
C ARG A 101 -32.91 56.56 -7.17
N ALA A 102 -32.31 56.92 -8.30
CA ALA A 102 -32.21 58.32 -8.71
C ALA A 102 -33.58 58.91 -9.01
N LEU A 103 -34.47 58.09 -9.56
CA LEU A 103 -35.81 58.54 -9.89
C LEU A 103 -36.59 58.85 -8.62
N VAL A 104 -36.57 57.94 -7.67
CA VAL A 104 -37.27 58.12 -6.40
C VAL A 104 -36.80 59.38 -5.68
N VAL A 105 -35.49 59.57 -5.62
CA VAL A 105 -34.92 60.74 -4.96
C VAL A 105 -35.27 62.00 -5.74
N ASN A 106 -35.25 61.90 -7.06
CA ASN A 106 -35.53 63.03 -7.93
C ASN A 106 -37.00 63.47 -7.91
N GLN A 107 -37.91 62.50 -7.83
CA GLN A 107 -39.34 62.81 -7.82
C GLN A 107 -39.87 63.22 -6.45
N ASP A 108 -39.23 62.74 -5.39
CA ASP A 108 -39.63 63.09 -4.02
C ASP A 108 -41.15 63.09 -3.87
N ASN A 109 -41.79 61.98 -4.24
CA ASN A 109 -43.24 61.84 -4.18
C ASN A 109 -43.66 60.55 -3.48
N SER A 110 -44.77 60.61 -2.73
CA SER A 110 -45.25 59.44 -2.02
C SER A 110 -45.91 58.45 -2.98
N GLN A 111 -46.21 58.90 -4.18
CA GLN A 111 -46.86 58.07 -5.19
C GLN A 111 -45.92 57.77 -6.36
N VAL A 112 -44.64 57.58 -6.05
CA VAL A 112 -43.65 57.29 -7.08
C VAL A 112 -43.93 55.95 -7.77
N GLN A 113 -44.52 55.01 -7.02
CA GLN A 113 -44.84 53.70 -7.57
C GLN A 113 -45.80 53.79 -8.75
N GLN A 114 -46.55 54.88 -8.83
CA GLN A 114 -47.50 55.06 -9.90
C GLN A 114 -46.89 55.75 -11.12
N ASP A 115 -45.61 56.11 -11.02
CA ASP A 115 -44.93 56.76 -12.12
C ASP A 115 -44.66 55.75 -13.23
N PRO A 116 -45.03 56.10 -14.47
CA PRO A 116 -44.82 55.21 -15.63
C PRO A 116 -43.37 54.78 -15.78
N GLN A 117 -42.45 55.73 -15.58
CA GLN A 117 -41.02 55.45 -15.71
C GLN A 117 -40.55 54.49 -14.62
N TYR A 118 -41.05 54.69 -13.39
CA TYR A 118 -40.67 53.85 -12.28
C TYR A 118 -41.08 52.40 -12.52
N GLN A 119 -42.28 52.22 -13.02
CA GLN A 119 -42.80 50.88 -13.30
C GLN A 119 -42.06 50.25 -14.48
N SER A 120 -41.64 51.09 -15.42
CA SER A 120 -40.91 50.62 -16.60
C SER A 120 -39.55 50.06 -16.19
N LEU A 121 -38.88 50.76 -15.29
CA LEU A 121 -37.57 50.33 -14.80
C LEU A 121 -37.68 49.06 -13.97
N ARG A 122 -38.67 49.04 -13.08
CA ARG A 122 -38.90 47.88 -12.21
C ARG A 122 -39.18 46.65 -13.05
N ALA A 123 -39.89 46.84 -14.17
CA ALA A 123 -40.22 45.74 -15.05
C ALA A 123 -38.96 45.19 -15.71
N ARG A 124 -38.12 46.10 -16.21
CA ARG A 124 -36.88 45.69 -16.85
C ARG A 124 -36.00 44.98 -15.83
N GLY A 125 -36.07 45.44 -14.58
CA GLY A 125 -35.29 44.84 -13.52
C GLY A 125 -35.67 43.39 -13.30
N ARG A 126 -36.98 43.12 -13.30
CA ARG A 126 -37.46 41.76 -13.11
C ARG A 126 -37.12 40.88 -14.33
N GLU A 127 -37.16 41.49 -15.51
CA GLU A 127 -36.87 40.76 -16.74
C GLU A 127 -35.40 40.34 -16.76
N ILE A 128 -34.52 41.26 -16.37
CA ILE A 128 -33.09 40.98 -16.33
C ILE A 128 -32.84 39.80 -15.41
N ARG A 129 -33.44 39.85 -14.22
CA ARG A 129 -33.27 38.78 -13.24
C ARG A 129 -33.79 37.45 -13.78
N LYS A 130 -34.83 37.50 -14.59
CA LYS A 130 -35.39 36.28 -15.17
C LYS A 130 -34.40 35.72 -16.19
N GLN A 131 -33.91 36.57 -17.08
CA GLN A 131 -32.96 36.15 -18.09
C GLN A 131 -31.71 35.53 -17.46
N LEU A 132 -31.28 36.08 -16.33
CA LEU A 132 -30.11 35.55 -15.65
C LEU A 132 -30.36 34.16 -15.07
N THR A 133 -31.60 33.91 -14.63
CA THR A 133 -31.94 32.61 -14.05
C THR A 133 -31.86 31.54 -15.15
N LEU A 134 -31.87 31.98 -16.39
CA LEU A 134 -31.78 31.06 -17.52
C LEU A 134 -30.33 30.85 -17.94
N LEU A 135 -29.55 31.93 -17.90
CA LEU A 135 -28.15 31.88 -18.30
C LEU A 135 -27.21 31.22 -17.30
N TYR A 136 -27.48 31.38 -16.01
CA TYR A 136 -26.63 30.78 -14.98
C TYR A 136 -26.56 29.26 -15.09
N PRO A 137 -27.73 28.59 -15.20
CA PRO A 137 -27.70 27.13 -15.32
C PRO A 137 -27.03 26.69 -16.61
N LYS A 138 -27.26 27.46 -17.68
CA LYS A 138 -26.67 27.18 -18.98
C LYS A 138 -25.16 27.30 -18.94
N GLU A 139 -24.67 28.29 -18.19
CA GLU A 139 -23.24 28.52 -18.06
C GLU A 139 -22.58 27.35 -17.33
N ALA A 140 -23.19 26.90 -16.26
CA ALA A 140 -22.67 25.78 -15.49
C ALA A 140 -22.63 24.53 -16.36
N GLN A 141 -23.67 24.37 -17.19
CA GLN A 141 -23.77 23.22 -18.09
C GLN A 141 -22.65 23.24 -19.14
N LEU A 142 -22.53 24.36 -19.85
CA LEU A 142 -21.50 24.50 -20.87
C LEU A 142 -20.10 24.31 -20.29
N GLU A 143 -19.85 24.95 -19.15
CA GLU A 143 -18.54 24.85 -18.52
C GLU A 143 -18.17 23.39 -18.28
N GLU A 144 -19.11 22.60 -17.77
CA GLU A 144 -18.83 21.21 -17.51
C GLU A 144 -18.59 20.43 -18.80
N GLN A 145 -19.42 20.68 -19.82
CA GLN A 145 -19.27 20.00 -21.09
C GLN A 145 -17.90 20.27 -21.69
N PHE A 146 -17.45 21.52 -21.57
CA PHE A 146 -16.15 21.89 -22.10
C PHE A 146 -15.00 21.13 -21.44
N TYR A 147 -14.93 21.21 -20.11
CA TYR A 147 -13.86 20.53 -19.37
C TYR A 147 -13.86 19.01 -19.53
N LEU A 148 -15.03 18.40 -19.49
CA LEU A 148 -15.13 16.95 -19.62
C LEU A 148 -14.48 16.46 -20.91
N ARG A 149 -14.48 17.31 -21.93
CA ARG A 149 -13.88 16.95 -23.21
C ARG A 149 -12.48 17.53 -23.38
N ALA A 150 -12.30 18.79 -23.00
CA ALA A 150 -11.01 19.45 -23.12
C ALA A 150 -9.93 18.80 -22.25
N LEU A 151 -10.32 18.29 -21.10
CA LEU A 151 -9.37 17.65 -20.20
C LEU A 151 -8.86 16.31 -20.73
N ARG A 152 -9.47 15.85 -21.83
CA ARG A 152 -9.07 14.59 -22.44
C ARG A 152 -8.03 14.80 -23.54
N LEU A 153 -7.69 16.07 -23.77
CA LEU A 153 -6.69 16.41 -24.78
C LEU A 153 -5.29 16.18 -24.21
N PRO A 154 -4.37 15.68 -25.03
CA PRO A 154 -3.01 15.41 -24.58
C PRO A 154 -2.16 16.67 -24.53
N ASN A 155 -0.97 16.55 -23.97
CA ASN A 155 -0.03 17.65 -23.87
C ASN A 155 0.48 17.86 -25.29
N GLN A 156 1.26 18.92 -25.49
CA GLN A 156 1.83 19.18 -26.80
C GLN A 156 2.91 18.12 -27.04
N THR A 157 3.43 18.05 -28.26
CA THR A 157 4.45 17.06 -28.60
C THR A 157 5.75 17.73 -29.04
N HIS A 158 6.87 17.25 -28.49
CA HIS A 158 8.18 17.79 -28.84
C HIS A 158 8.44 17.54 -30.33
N PRO A 159 8.97 18.54 -31.03
CA PRO A 159 9.27 18.47 -32.47
C PRO A 159 10.08 17.26 -32.95
N ASP A 160 11.06 16.85 -32.17
CA ASP A 160 11.92 15.72 -32.56
C ASP A 160 11.40 14.32 -32.25
N VAL A 161 10.23 14.23 -31.62
CA VAL A 161 9.66 12.93 -31.29
C VAL A 161 9.40 12.09 -32.56
N PRO A 162 9.84 10.82 -32.56
CA PRO A 162 9.61 9.99 -33.73
C PRO A 162 8.12 9.67 -33.87
N VAL A 163 7.65 9.62 -35.12
CA VAL A 163 6.24 9.34 -35.37
C VAL A 163 5.93 7.85 -35.48
N GLY A 164 4.82 7.42 -34.88
CA GLY A 164 4.44 6.03 -34.95
C GLY A 164 4.25 5.30 -33.64
N ASP A 165 4.12 3.98 -33.72
CA ASP A 165 3.93 3.12 -32.56
C ASP A 165 5.29 2.74 -31.96
N GLU A 166 5.26 1.86 -30.96
CA GLU A 166 6.49 1.43 -30.28
C GLU A 166 7.62 0.97 -31.19
N SER A 167 7.30 0.38 -32.33
CA SER A 167 8.32 -0.09 -33.24
C SER A 167 9.14 1.06 -33.81
N GLN A 168 8.62 2.29 -33.67
CA GLN A 168 9.31 3.46 -34.19
C GLN A 168 10.18 4.18 -33.15
N ALA A 169 10.31 3.60 -31.97
CA ALA A 169 11.15 4.20 -30.92
C ALA A 169 12.56 4.32 -31.49
N ARG A 170 13.20 5.45 -31.26
CA ARG A 170 14.54 5.73 -31.77
C ARG A 170 15.67 5.42 -30.79
N VAL A 171 16.62 4.59 -31.21
CA VAL A 171 17.75 4.26 -30.35
C VAL A 171 18.76 5.40 -30.33
N LEU A 172 18.90 6.03 -29.17
CA LEU A 172 19.81 7.16 -29.02
C LEU A 172 21.21 6.76 -28.56
N HIS A 173 21.32 5.64 -27.85
CA HIS A 173 22.61 5.20 -27.36
C HIS A 173 22.52 3.78 -26.82
N VAL A 174 23.65 3.08 -26.80
CA VAL A 174 23.74 1.73 -26.26
C VAL A 174 25.00 1.69 -25.41
N VAL A 175 24.88 1.09 -24.22
CA VAL A 175 26.01 1.00 -23.30
C VAL A 175 26.29 -0.46 -22.94
N GLY A 176 27.58 -0.80 -22.89
CA GLY A 176 27.97 -2.16 -22.55
C GLY A 176 27.85 -3.15 -23.69
N ASP A 177 27.99 -4.43 -23.37
CA ASP A 177 27.91 -5.51 -24.35
C ASP A 177 27.11 -6.65 -23.75
N LYS A 178 26.51 -7.48 -24.60
CA LYS A 178 25.74 -8.62 -24.12
C LYS A 178 26.69 -9.60 -23.46
N PRO A 179 26.33 -10.13 -22.29
CA PRO A 179 27.22 -11.09 -21.63
C PRO A 179 27.34 -12.35 -22.46
N ALA A 180 28.48 -13.03 -22.36
CA ALA A 180 28.70 -14.26 -23.09
C ALA A 180 28.59 -15.42 -22.12
N PHE A 181 27.86 -16.47 -22.50
CA PHE A 181 27.72 -17.63 -21.64
C PHE A 181 28.16 -18.89 -22.38
N SER A 182 28.78 -19.81 -21.66
CA SER A 182 29.23 -21.07 -22.23
C SER A 182 28.09 -22.06 -22.16
N PHE A 183 26.96 -21.58 -21.65
CA PHE A 183 25.75 -22.40 -21.50
C PHE A 183 24.54 -21.56 -21.84
N GLN A 184 23.39 -22.21 -21.98
CA GLN A 184 22.15 -21.51 -22.28
C GLN A 184 21.71 -20.74 -21.03
N PRO A 185 21.72 -19.40 -21.08
CA PRO A 185 21.32 -18.64 -19.90
C PRO A 185 19.91 -18.99 -19.45
N ARG A 186 19.72 -19.11 -18.14
CA ARG A 186 18.43 -19.46 -17.57
C ARG A 186 17.63 -18.20 -17.23
N GLY A 187 16.32 -18.36 -17.04
CA GLY A 187 15.46 -17.23 -16.69
C GLY A 187 15.58 -16.88 -15.22
N HIS A 188 15.34 -15.61 -14.88
CA HIS A 188 15.46 -15.17 -13.49
C HIS A 188 14.67 -15.96 -12.46
N LEU A 189 13.47 -16.40 -12.80
CA LEU A 189 12.68 -17.15 -11.81
C LEU A 189 13.31 -18.50 -11.48
N GLU A 190 13.82 -19.20 -12.50
CA GLU A 190 14.45 -20.49 -12.28
C GLU A 190 15.70 -20.29 -11.42
N ILE A 191 16.50 -19.29 -11.77
CA ILE A 191 17.72 -18.97 -11.05
C ILE A 191 17.39 -18.67 -9.59
N ALA A 192 16.38 -17.82 -9.40
CA ALA A 192 15.97 -17.40 -8.06
C ALA A 192 15.34 -18.48 -7.20
N GLU A 193 14.55 -19.35 -7.81
CA GLU A 193 13.93 -20.44 -7.04
C GLU A 193 14.98 -21.41 -6.56
N LYS A 194 15.99 -21.65 -7.40
CA LYS A 194 17.07 -22.56 -7.05
C LYS A 194 17.88 -22.02 -5.87
N LEU A 195 18.02 -20.70 -5.81
CA LEU A 195 18.76 -20.05 -4.72
C LEU A 195 17.83 -19.65 -3.57
N ASP A 196 16.55 -19.91 -3.77
CA ASP A 196 15.47 -19.57 -2.83
C ASP A 196 15.51 -18.11 -2.41
N ILE A 197 15.62 -17.21 -3.39
CA ILE A 197 15.65 -15.78 -3.09
C ILE A 197 14.40 -15.07 -3.61
N ILE A 198 13.59 -15.80 -4.36
CA ILE A 198 12.31 -15.29 -4.86
C ILE A 198 11.30 -16.42 -4.77
N ARG A 199 10.10 -16.10 -4.29
CA ARG A 199 9.05 -17.10 -4.22
C ARG A 199 7.77 -16.58 -4.83
N GLN A 200 7.15 -17.40 -5.67
CA GLN A 200 5.87 -17.06 -6.29
C GLN A 200 4.90 -18.23 -6.24
N LYS A 201 5.43 -19.44 -6.10
CA LYS A 201 4.62 -20.65 -6.06
C LYS A 201 3.70 -20.71 -4.84
N ARG A 202 2.53 -21.33 -5.03
CA ARG A 202 1.53 -21.52 -4.00
C ARG A 202 1.19 -20.26 -3.20
N LEU A 203 0.85 -19.19 -3.92
CA LEU A 203 0.48 -17.92 -3.29
C LEU A 203 -0.90 -17.44 -3.74
N SER A 204 -1.54 -18.20 -4.62
CA SER A 204 -2.85 -17.81 -5.13
C SER A 204 -3.83 -17.37 -4.04
N HIS A 205 -3.94 -18.18 -2.99
CA HIS A 205 -4.87 -17.88 -1.91
C HIS A 205 -4.24 -17.12 -0.75
N VAL A 206 -2.99 -16.69 -0.93
CA VAL A 206 -2.28 -15.94 0.09
C VAL A 206 -2.18 -14.47 -0.31
N SER A 207 -1.58 -14.22 -1.47
CA SER A 207 -1.39 -12.87 -1.96
C SER A 207 -1.84 -12.69 -3.43
N GLY A 208 -2.40 -13.73 -4.02
CA GLY A 208 -2.88 -13.65 -5.38
C GLY A 208 -1.85 -13.80 -6.49
N HIS A 209 -2.31 -13.79 -7.73
CA HIS A 209 -1.41 -13.93 -8.87
C HIS A 209 -0.52 -12.69 -9.02
N ARG A 210 0.66 -12.91 -9.61
CA ARG A 210 1.63 -11.86 -9.84
C ARG A 210 2.08 -11.11 -8.59
N SER A 211 2.22 -11.87 -7.50
CA SER A 211 2.71 -11.36 -6.22
C SER A 211 3.94 -12.19 -5.92
N TYR A 212 4.79 -11.73 -5.01
CA TYR A 212 6.02 -12.47 -4.71
C TYR A 212 6.65 -12.06 -3.39
N TYR A 213 7.58 -12.90 -2.93
CA TYR A 213 8.34 -12.66 -1.72
C TYR A 213 9.81 -12.65 -2.14
N LEU A 214 10.62 -11.83 -1.50
CA LEU A 214 12.06 -11.83 -1.77
C LEU A 214 12.63 -12.31 -0.44
N ARG A 215 13.62 -13.20 -0.50
CA ARG A 215 14.21 -13.73 0.72
C ARG A 215 15.73 -13.75 0.65
N GLY A 216 16.36 -13.50 1.80
CA GLY A 216 17.81 -13.53 1.86
C GLY A 216 18.49 -12.61 0.87
N ALA A 217 19.37 -13.17 0.05
CA ALA A 217 20.09 -12.37 -0.93
C ALA A 217 19.12 -11.62 -1.84
N GLY A 218 17.92 -12.17 -2.03
CA GLY A 218 16.92 -11.52 -2.86
C GLY A 218 16.49 -10.21 -2.22
N ALA A 219 16.22 -10.26 -0.92
CA ALA A 219 15.82 -9.06 -0.19
C ALA A 219 17.01 -8.10 -0.08
N LEU A 220 18.21 -8.64 0.08
CA LEU A 220 19.39 -7.79 0.16
C LEU A 220 19.60 -7.06 -1.17
N LEU A 221 19.25 -7.71 -2.27
CA LEU A 221 19.39 -7.07 -3.59
C LEU A 221 18.43 -5.89 -3.69
N GLN A 222 17.20 -6.05 -3.23
CA GLN A 222 16.28 -4.92 -3.28
C GLN A 222 16.78 -3.80 -2.37
N HIS A 223 17.15 -4.16 -1.14
CA HIS A 223 17.67 -3.20 -0.17
C HIS A 223 18.85 -2.44 -0.80
N GLY A 224 19.76 -3.18 -1.42
CA GLY A 224 20.92 -2.57 -2.03
C GLY A 224 20.61 -1.66 -3.20
N LEU A 225 19.72 -2.10 -4.08
CA LEU A 225 19.35 -1.28 -5.24
C LEU A 225 18.74 0.03 -4.78
N VAL A 226 17.80 -0.07 -3.85
CA VAL A 226 17.12 1.11 -3.33
C VAL A 226 18.09 2.07 -2.63
N ASN A 227 18.90 1.54 -1.73
CA ASN A 227 19.84 2.39 -1.01
C ASN A 227 20.94 2.95 -1.90
N PHE A 228 21.43 2.16 -2.85
CA PHE A 228 22.47 2.65 -3.75
C PHE A 228 21.93 3.85 -4.52
N THR A 229 20.71 3.73 -5.02
CA THR A 229 20.08 4.80 -5.79
C THR A 229 19.76 6.02 -4.92
N LEU A 230 19.19 5.77 -3.75
CA LEU A 230 18.85 6.85 -2.83
C LEU A 230 20.11 7.63 -2.42
N ASN A 231 21.15 6.90 -2.02
CA ASN A 231 22.39 7.54 -1.59
C ASN A 231 23.02 8.37 -2.70
N LYS A 232 23.04 7.83 -3.92
CA LYS A 232 23.63 8.55 -5.05
C LYS A 232 22.89 9.86 -5.32
N LEU A 233 21.56 9.78 -5.38
CA LEU A 233 20.76 10.96 -5.67
C LEU A 233 20.77 11.98 -4.54
N ILE A 234 20.78 11.51 -3.30
CA ILE A 234 20.81 12.44 -2.18
C ILE A 234 22.13 13.22 -2.22
N HIS A 235 23.22 12.52 -2.56
CA HIS A 235 24.52 13.18 -2.64
C HIS A 235 24.67 14.07 -3.86
N ARG A 236 23.73 13.97 -4.80
CA ARG A 236 23.77 14.79 -5.99
C ARG A 236 22.85 16.00 -5.80
N GLY A 237 22.35 16.17 -4.58
CA GLY A 237 21.50 17.31 -4.28
C GLY A 237 20.00 17.12 -4.28
N PHE A 238 19.51 15.91 -4.51
CA PHE A 238 18.07 15.67 -4.51
C PHE A 238 17.52 15.70 -3.09
N THR A 239 16.39 16.36 -2.91
CA THR A 239 15.76 16.42 -1.59
C THR A 239 14.93 15.15 -1.39
N PRO A 240 15.27 14.35 -0.36
CA PRO A 240 14.53 13.11 -0.11
C PRO A 240 13.12 13.42 0.40
N MET A 241 12.17 12.61 -0.02
CA MET A 241 10.78 12.79 0.37
C MET A 241 10.11 11.47 0.68
N THR A 242 9.06 11.58 1.48
CA THR A 242 8.25 10.46 1.88
C THR A 242 6.83 10.96 1.55
N VAL A 243 6.05 10.18 0.81
CA VAL A 243 4.70 10.60 0.42
C VAL A 243 3.61 9.60 0.79
N PRO A 244 2.37 10.07 0.89
CA PRO A 244 1.28 9.15 1.22
C PRO A 244 1.11 8.19 0.04
N ASP A 245 0.71 6.94 0.29
CA ASP A 245 0.51 6.00 -0.80
C ASP A 245 -0.96 5.98 -1.20
N LEU A 246 -1.81 6.41 -0.27
CA LEU A 246 -3.25 6.49 -0.52
C LEU A 246 -3.58 7.94 -0.82
N LEU A 247 -4.15 8.18 -2.00
CA LEU A 247 -4.49 9.54 -2.40
C LEU A 247 -5.83 9.61 -3.10
N ARG A 248 -6.39 10.81 -3.14
CA ARG A 248 -7.68 11.02 -3.78
C ARG A 248 -7.54 11.00 -5.31
N GLY A 249 -8.59 10.55 -5.97
CA GLY A 249 -8.59 10.44 -7.42
C GLY A 249 -8.15 11.67 -8.19
N VAL A 250 -8.48 12.85 -7.69
CA VAL A 250 -8.13 14.09 -8.37
C VAL A 250 -6.64 14.21 -8.69
N VAL A 251 -5.79 13.75 -7.77
CA VAL A 251 -4.35 13.84 -7.99
C VAL A 251 -3.91 12.99 -9.18
N PHE A 252 -4.50 11.81 -9.31
CA PHE A 252 -4.18 10.90 -10.41
C PHE A 252 -4.59 11.54 -11.73
N GLU A 253 -5.80 12.09 -11.76
CA GLU A 253 -6.32 12.74 -12.96
C GLU A 253 -5.44 13.92 -13.32
N GLY A 254 -4.98 14.65 -12.30
CA GLY A 254 -4.12 15.79 -12.53
C GLY A 254 -2.78 15.41 -13.13
N CYS A 255 -2.30 14.21 -12.82
CA CYS A 255 -1.03 13.74 -13.36
C CYS A 255 -1.19 13.23 -14.79
N GLY A 256 -2.43 13.09 -15.24
CA GLY A 256 -2.68 12.60 -16.58
C GLY A 256 -3.00 11.12 -16.59
N MET A 257 -3.33 10.57 -15.43
CA MET A 257 -3.68 9.17 -15.30
C MET A 257 -5.21 9.05 -15.34
N THR A 258 -5.74 7.82 -15.32
CA THR A 258 -7.18 7.64 -15.38
C THR A 258 -7.74 6.65 -14.36
N PRO A 259 -8.17 7.15 -13.19
CA PRO A 259 -8.74 6.34 -12.11
C PRO A 259 -10.12 5.79 -12.46
N ASN A 260 -10.79 6.43 -13.43
CA ASN A 260 -12.14 6.03 -13.84
C ASN A 260 -12.23 5.37 -15.22
N ALA A 261 -11.12 5.31 -15.95
CA ALA A 261 -11.13 4.60 -17.23
C ALA A 261 -11.62 3.28 -16.67
N LYS A 262 -12.78 2.78 -17.08
CA LYS A 262 -13.30 1.50 -16.55
C LYS A 262 -12.24 0.50 -16.15
N PRO A 263 -11.54 -0.12 -17.12
CA PRO A 263 -10.56 -1.04 -16.57
C PRO A 263 -9.30 -0.23 -16.14
N SER A 264 -9.34 0.26 -14.90
CA SER A 264 -8.25 1.06 -14.39
C SER A 264 -7.13 0.23 -13.78
N GLN A 265 -5.93 0.75 -13.93
CA GLN A 265 -4.74 0.12 -13.43
C GLN A 265 -4.53 0.58 -12.01
N ILE A 266 -5.46 1.38 -11.50
CA ILE A 266 -5.36 1.91 -10.15
C ILE A 266 -6.29 1.19 -9.18
N TYR A 267 -5.72 0.64 -8.11
CA TYR A 267 -6.49 -0.05 -7.07
C TYR A 267 -7.15 1.00 -6.19
N ASN A 268 -8.45 0.85 -5.94
CA ASN A 268 -9.15 1.80 -5.09
C ASN A 268 -9.63 1.08 -3.84
N ILE A 269 -9.64 1.80 -2.71
CA ILE A 269 -10.11 1.24 -1.46
C ILE A 269 -11.63 1.17 -1.55
N ASP A 270 -12.20 0.11 -0.99
CA ASP A 270 -13.65 -0.10 -1.00
C ASP A 270 -14.43 1.20 -0.73
N PRO A 271 -15.10 1.74 -1.76
CA PRO A 271 -15.88 2.98 -1.67
C PRO A 271 -17.04 2.94 -0.68
N SER A 272 -17.55 1.74 -0.40
CA SER A 272 -18.67 1.61 0.54
C SER A 272 -18.19 1.75 1.98
N ARG A 273 -16.87 1.76 2.17
CA ARG A 273 -16.31 1.87 3.50
C ARG A 273 -15.44 3.11 3.69
N PHE A 274 -14.71 3.47 2.64
CA PHE A 274 -13.83 4.64 2.68
C PHE A 274 -13.96 5.42 1.38
N GLU A 275 -14.17 6.72 1.50
CA GLU A 275 -14.37 7.56 0.33
C GLU A 275 -13.10 8.05 -0.35
N ASP A 276 -13.11 7.93 -1.68
CA ASP A 276 -12.02 8.41 -2.54
C ASP A 276 -10.59 8.20 -2.05
N LEU A 277 -10.18 6.94 -1.95
CA LEU A 277 -8.82 6.60 -1.52
C LEU A 277 -8.27 5.61 -2.52
N ASN A 278 -7.10 5.88 -3.07
CA ASN A 278 -6.51 5.01 -4.08
C ASN A 278 -5.01 4.78 -3.87
N LEU A 279 -4.54 3.59 -4.25
CA LEU A 279 -3.12 3.27 -4.12
C LEU A 279 -2.42 3.77 -5.38
N ALA A 280 -1.25 4.38 -5.20
CA ALA A 280 -0.49 4.90 -6.33
C ALA A 280 0.40 3.84 -6.98
N GLY A 281 0.62 3.99 -8.28
CA GLY A 281 1.47 3.07 -9.01
C GLY A 281 2.87 3.64 -9.15
N THR A 282 3.07 4.82 -8.58
CA THR A 282 4.35 5.51 -8.63
C THR A 282 4.31 6.69 -7.66
N ALA A 283 5.45 7.02 -7.06
CA ALA A 283 5.52 8.14 -6.12
C ALA A 283 5.26 9.46 -6.84
N GLU A 284 5.24 9.40 -8.16
CA GLU A 284 4.98 10.61 -8.96
C GLU A 284 3.65 11.22 -8.53
N VAL A 285 2.65 10.38 -8.27
CA VAL A 285 1.34 10.86 -7.86
C VAL A 285 1.43 11.65 -6.55
N GLY A 286 2.00 11.04 -5.52
CA GLY A 286 2.15 11.72 -4.24
C GLY A 286 2.98 12.99 -4.31
N LEU A 287 4.06 12.95 -5.11
CA LEU A 287 4.91 14.12 -5.24
C LEU A 287 4.16 15.28 -5.90
N ALA A 288 3.35 14.97 -6.89
CA ALA A 288 2.54 15.99 -7.56
C ALA A 288 1.55 16.55 -6.54
N GLY A 289 1.00 15.67 -5.72
CA GLY A 289 0.04 16.09 -4.70
C GLY A 289 0.64 17.04 -3.68
N TYR A 290 1.95 16.96 -3.48
CA TYR A 290 2.64 17.82 -2.54
C TYR A 290 2.66 19.26 -3.04
N PHE A 291 2.95 19.43 -4.32
CA PHE A 291 3.03 20.76 -4.92
C PHE A 291 1.67 21.34 -5.31
N MET A 292 0.66 20.48 -5.38
CA MET A 292 -0.68 20.90 -5.75
C MET A 292 -1.15 22.13 -4.99
N ASP A 293 -1.70 23.10 -5.72
CA ASP A 293 -2.24 24.34 -5.14
C ASP A 293 -1.23 25.19 -4.37
N HIS A 294 0.05 24.98 -4.63
CA HIS A 294 1.08 25.77 -3.96
C HIS A 294 2.06 26.37 -4.94
N SER A 295 2.84 27.33 -4.46
CA SER A 295 3.84 28.00 -5.28
C SER A 295 5.22 27.90 -4.65
N VAL A 296 6.24 27.70 -5.47
CA VAL A 296 7.61 27.62 -5.00
C VAL A 296 8.35 28.88 -5.45
N ALA A 297 9.45 29.20 -4.78
CA ALA A 297 10.23 30.39 -5.12
C ALA A 297 11.11 30.17 -6.34
N PHE A 298 11.17 31.18 -7.20
CA PHE A 298 11.99 31.10 -8.41
C PHE A 298 13.43 30.72 -8.10
N ARG A 299 13.99 31.30 -7.04
CA ARG A 299 15.38 31.05 -6.68
C ARG A 299 15.69 29.60 -6.33
N ASP A 300 14.65 28.80 -6.07
CA ASP A 300 14.83 27.39 -5.72
C ASP A 300 14.79 26.45 -6.93
N LEU A 301 14.36 26.98 -8.07
CA LEU A 301 14.26 26.16 -9.29
C LEU A 301 15.65 25.85 -9.86
N PRO A 302 15.86 24.61 -10.30
CA PRO A 302 14.90 23.51 -10.28
C PRO A 302 14.85 22.79 -8.94
N ILE A 303 13.65 22.35 -8.56
CA ILE A 303 13.47 21.60 -7.34
C ILE A 303 13.64 20.14 -7.73
N ARG A 304 14.59 19.45 -7.09
CA ARG A 304 14.87 18.05 -7.37
C ARG A 304 14.54 17.21 -6.16
N MET A 305 13.60 16.29 -6.30
CA MET A 305 13.23 15.42 -5.19
C MET A 305 13.38 13.94 -5.55
N VAL A 306 13.68 13.13 -4.54
CA VAL A 306 13.84 11.69 -4.73
C VAL A 306 12.96 11.03 -3.68
N CYS A 307 12.26 9.97 -4.08
CA CYS A 307 11.35 9.29 -3.16
C CYS A 307 11.25 7.80 -3.41
N SER A 308 11.37 7.02 -2.34
CA SER A 308 11.23 5.58 -2.45
C SER A 308 9.84 5.23 -1.93
N SER A 309 9.08 4.46 -2.70
CA SER A 309 7.74 4.07 -2.26
C SER A 309 7.31 2.73 -2.83
N THR A 310 6.31 2.13 -2.19
CA THR A 310 5.78 0.87 -2.66
C THR A 310 4.73 1.25 -3.71
N CYS A 311 4.83 0.62 -4.88
CA CYS A 311 3.92 0.90 -5.97
C CYS A 311 2.94 -0.25 -6.20
N TYR A 312 1.70 0.09 -6.52
CA TYR A 312 0.65 -0.90 -6.75
C TYR A 312 0.00 -0.67 -8.11
N ARG A 313 -0.04 -1.71 -8.94
CA ARG A 313 -0.64 -1.61 -10.27
C ARG A 313 -1.49 -2.84 -10.56
N ALA A 314 -2.74 -2.61 -10.96
CA ALA A 314 -3.68 -3.69 -11.25
C ALA A 314 -3.33 -4.50 -12.49
N GLU A 315 -2.63 -3.87 -13.45
CA GLU A 315 -2.22 -4.54 -14.68
C GLU A 315 -3.30 -5.46 -15.23
N THR A 316 -4.53 -4.95 -15.33
CA THR A 316 -5.64 -5.75 -15.82
C THR A 316 -5.57 -6.00 -17.33
N ASP A 317 -5.07 -5.01 -18.05
CA ASP A 317 -4.96 -5.12 -19.51
C ASP A 317 -4.26 -6.40 -19.94
N THR A 318 -3.08 -6.66 -19.38
CA THR A 318 -2.33 -7.86 -19.72
C THR A 318 -1.22 -8.15 -18.71
N GLY A 319 -0.30 -9.02 -19.09
CA GLY A 319 0.81 -9.37 -18.22
C GLY A 319 2.02 -9.83 -19.00
N PRO A 322 2.13 -14.50 -16.24
CA PRO A 322 1.66 -15.03 -14.94
C PRO A 322 2.80 -15.33 -13.97
N TRP A 323 3.94 -15.77 -14.50
CA TRP A 323 5.09 -16.09 -13.67
C TRP A 323 6.28 -15.21 -14.02
N GLY A 324 7.02 -14.79 -13.01
CA GLY A 324 8.16 -13.92 -13.25
C GLY A 324 7.87 -12.53 -12.74
N LEU A 325 8.91 -11.72 -12.57
CA LEU A 325 8.76 -10.37 -12.04
C LEU A 325 8.61 -9.25 -13.08
N TYR A 326 8.51 -9.59 -14.36
CA TYR A 326 8.41 -8.53 -15.36
C TYR A 326 7.20 -7.62 -15.19
N ARG A 327 6.05 -8.22 -14.88
CA ARG A 327 4.83 -7.43 -14.70
C ARG A 327 4.10 -7.91 -13.45
N VAL A 328 4.41 -7.27 -12.33
CA VAL A 328 3.80 -7.64 -11.05
C VAL A 328 2.88 -6.55 -10.51
N HIS A 329 2.06 -6.90 -9.52
CA HIS A 329 1.11 -5.95 -8.93
C HIS A 329 1.70 -5.06 -7.85
N HIS A 330 2.84 -5.44 -7.30
CA HIS A 330 3.46 -4.65 -6.24
C HIS A 330 4.97 -4.62 -6.38
N PHE A 331 5.56 -3.45 -6.12
CA PHE A 331 7.00 -3.34 -6.18
C PHE A 331 7.50 -2.02 -5.61
N THR A 332 8.79 -2.00 -5.30
CA THR A 332 9.42 -0.81 -4.75
C THR A 332 10.14 -0.07 -5.87
N LYS A 333 9.97 1.25 -5.89
CA LYS A 333 10.60 2.09 -6.89
C LYS A 333 11.07 3.42 -6.30
N VAL A 334 12.29 3.80 -6.64
CA VAL A 334 12.83 5.08 -6.20
C VAL A 334 12.56 6.00 -7.39
N GLU A 335 11.86 7.09 -7.12
CA GLU A 335 11.45 8.05 -8.15
C GLU A 335 12.17 9.39 -8.08
N MET A 336 12.45 9.96 -9.26
CA MET A 336 13.05 11.29 -9.36
C MET A 336 11.90 12.19 -9.81
N PHE A 337 11.77 13.36 -9.20
CA PHE A 337 10.70 14.28 -9.56
C PHE A 337 11.23 15.70 -9.56
N GLY A 338 10.90 16.45 -10.60
CA GLY A 338 11.39 17.82 -10.68
C GLY A 338 10.34 18.86 -10.99
N VAL A 339 10.55 20.06 -10.45
CA VAL A 339 9.66 21.21 -10.66
C VAL A 339 10.63 22.30 -11.10
N THR A 340 10.47 22.83 -12.31
CA THR A 340 11.43 23.83 -12.73
C THR A 340 10.96 25.07 -13.47
N GLY A 341 11.99 25.86 -13.80
CA GLY A 341 11.94 27.12 -14.52
C GLY A 341 10.73 27.64 -15.25
N PRO A 342 10.86 28.84 -15.84
CA PRO A 342 9.79 29.48 -16.58
C PRO A 342 9.32 28.74 -17.82
N GLY A 343 10.24 28.09 -18.54
CA GLY A 343 9.81 27.41 -19.75
C GLY A 343 10.48 26.12 -20.19
N LEU A 344 10.25 25.78 -21.46
CA LEU A 344 10.77 24.56 -22.08
C LEU A 344 12.26 24.32 -21.95
N GLU A 345 13.07 25.38 -22.06
CA GLU A 345 14.51 25.21 -21.95
C GLU A 345 14.91 24.60 -20.61
N GLN A 346 14.25 25.02 -19.55
CA GLN A 346 14.54 24.52 -18.21
C GLN A 346 14.06 23.09 -18.00
N SER A 347 12.82 22.81 -18.41
CA SER A 347 12.30 21.46 -18.23
C SER A 347 13.02 20.47 -19.14
N SER A 348 13.42 20.92 -20.32
CA SER A 348 14.13 20.04 -21.25
C SER A 348 15.50 19.67 -20.68
N GLU A 349 16.19 20.64 -20.10
CA GLU A 349 17.51 20.36 -19.54
C GLU A 349 17.40 19.47 -18.31
N LEU A 350 16.34 19.63 -17.53
CA LEU A 350 16.16 18.80 -16.34
C LEU A 350 15.90 17.35 -16.76
N LEU A 351 15.10 17.15 -17.81
CA LEU A 351 14.82 15.80 -18.29
C LEU A 351 16.14 15.15 -18.70
N GLU A 352 16.97 15.92 -19.39
CA GLU A 352 18.28 15.44 -19.84
C GLU A 352 19.13 15.05 -18.62
N GLU A 353 19.05 15.88 -17.58
CA GLU A 353 19.81 15.61 -16.36
C GLU A 353 19.33 14.30 -15.73
N PHE A 354 18.02 14.13 -15.63
CA PHE A 354 17.47 12.91 -15.06
C PHE A 354 17.89 11.70 -15.88
N LEU A 355 17.83 11.82 -17.20
CA LEU A 355 18.22 10.72 -18.08
C LEU A 355 19.68 10.33 -17.85
N SER A 356 20.55 11.33 -17.78
CA SER A 356 21.97 11.07 -17.57
C SER A 356 22.21 10.34 -16.26
N LEU A 357 21.43 10.66 -15.24
CA LEU A 357 21.56 10.00 -13.95
C LEU A 357 21.13 8.53 -14.04
N GLN A 358 20.07 8.26 -14.78
CA GLN A 358 19.59 6.91 -14.96
C GLN A 358 20.67 6.08 -15.66
N MET A 359 21.32 6.68 -16.65
CA MET A 359 22.38 5.99 -17.37
C MET A 359 23.55 5.69 -16.45
N GLU A 360 23.89 6.64 -15.57
CA GLU A 360 24.98 6.45 -14.62
C GLU A 360 24.67 5.27 -13.69
N ILE A 361 23.44 5.24 -13.18
CA ILE A 361 23.04 4.17 -12.28
C ILE A 361 23.16 2.80 -12.93
N LEU A 362 22.56 2.65 -14.11
CA LEU A 362 22.60 1.38 -14.84
C LEU A 362 24.01 0.96 -15.25
N THR A 363 24.85 1.95 -15.58
CA THR A 363 26.21 1.66 -16.00
C THR A 363 27.02 1.17 -14.79
N GLU A 364 26.82 1.81 -13.65
CA GLU A 364 27.53 1.44 -12.44
C GLU A 364 27.12 0.05 -11.93
N LEU A 365 25.92 -0.39 -12.31
CA LEU A 365 25.44 -1.71 -11.92
C LEU A 365 25.95 -2.77 -12.90
N GLY A 366 26.68 -2.30 -13.91
CA GLY A 366 27.24 -3.20 -14.92
C GLY A 366 26.25 -3.84 -15.88
N LEU A 367 25.15 -3.15 -16.16
CA LEU A 367 24.15 -3.70 -17.07
C LEU A 367 24.31 -3.20 -18.50
N HIS A 368 23.84 -4.00 -19.45
CA HIS A 368 23.90 -3.66 -20.87
C HIS A 368 22.52 -3.06 -21.18
N PHE A 369 22.49 -1.86 -21.76
CA PHE A 369 21.22 -1.24 -22.05
C PHE A 369 21.22 -0.31 -23.25
N ARG A 370 20.03 0.10 -23.67
CA ARG A 370 19.88 1.01 -24.80
C ARG A 370 18.87 2.07 -24.44
N VAL A 371 19.15 3.30 -24.86
CA VAL A 371 18.27 4.44 -24.59
C VAL A 371 17.36 4.67 -25.77
N LEU A 372 16.07 4.88 -25.49
CA LEU A 372 15.08 5.08 -26.54
C LEU A 372 14.31 6.40 -26.44
N ASP A 373 14.07 7.02 -27.60
CA ASP A 373 13.28 8.24 -27.67
C ASP A 373 11.92 7.70 -28.08
N MET A 374 10.96 7.70 -27.16
CA MET A 374 9.64 7.14 -27.44
C MET A 374 8.83 7.93 -28.47
N PRO A 375 8.12 7.22 -29.36
CA PRO A 375 7.28 7.76 -30.43
C PRO A 375 5.98 8.42 -30.00
N THR A 376 5.39 9.17 -30.93
CA THR A 376 4.15 9.90 -30.68
C THR A 376 3.00 9.10 -30.06
N GLN A 377 2.80 7.87 -30.51
CA GLN A 377 1.71 7.05 -29.98
C GLN A 377 2.00 6.45 -28.61
N GLU A 378 3.22 6.65 -28.11
CA GLU A 378 3.60 6.09 -26.82
C GLU A 378 3.92 7.13 -25.74
N LEU A 379 3.47 8.36 -25.96
CA LEU A 379 3.72 9.42 -24.99
C LEU A 379 2.63 9.52 -23.93
N GLY A 380 1.48 8.92 -24.20
CA GLY A 380 0.38 8.98 -23.25
C GLY A 380 -0.29 10.34 -23.35
N LEU A 381 -0.79 10.86 -22.24
CA LEU A 381 -1.44 12.16 -22.25
C LEU A 381 -0.59 13.31 -21.73
N PRO A 382 0.10 13.11 -20.59
CA PRO A 382 0.95 14.16 -20.01
C PRO A 382 2.32 14.48 -20.57
N ALA A 383 2.94 13.52 -21.25
CA ALA A 383 4.31 13.72 -21.76
C ALA A 383 4.48 14.51 -23.05
N TYR A 384 5.46 15.41 -23.01
CA TYR A 384 5.85 16.24 -24.14
C TYR A 384 7.03 15.53 -24.83
N ARG A 385 7.87 14.91 -24.02
CA ARG A 385 9.04 14.15 -24.49
C ARG A 385 9.22 13.00 -23.49
N LYS A 386 9.58 11.82 -23.97
CA LYS A 386 9.75 10.67 -23.09
C LYS A 386 10.90 9.77 -23.53
N PHE A 387 11.84 9.54 -22.62
CA PHE A 387 13.00 8.67 -22.90
C PHE A 387 12.88 7.44 -22.02
N ASP A 388 13.00 6.26 -22.62
CA ASP A 388 12.94 5.01 -21.86
C ASP A 388 14.27 4.30 -22.02
N ILE A 389 14.62 3.48 -21.02
CA ILE A 389 15.86 2.70 -21.11
C ILE A 389 15.49 1.24 -20.97
N GLU A 390 15.99 0.42 -21.89
CA GLU A 390 15.73 -1.01 -21.84
C GLU A 390 17.04 -1.72 -21.53
N ALA A 391 16.99 -2.63 -20.57
CA ALA A 391 18.17 -3.39 -20.17
C ALA A 391 18.12 -4.79 -20.77
N TRP A 392 19.28 -5.29 -21.17
CA TRP A 392 19.37 -6.62 -21.74
C TRP A 392 19.10 -7.66 -20.65
N MET A 393 18.24 -8.63 -20.96
CA MET A 393 17.88 -9.69 -20.04
C MET A 393 18.11 -11.03 -20.76
N PRO A 394 19.32 -11.58 -20.64
CA PRO A 394 19.76 -12.85 -21.27
C PRO A 394 18.77 -14.01 -21.23
N GLY A 395 18.19 -14.26 -20.06
CA GLY A 395 17.24 -15.36 -19.93
C GLY A 395 15.96 -15.11 -20.69
N ARG A 396 15.51 -13.86 -20.66
CA ARG A 396 14.30 -13.45 -21.35
C ARG A 396 14.63 -13.44 -22.85
N GLY A 397 15.91 -13.20 -23.15
CA GLY A 397 16.35 -13.17 -24.53
C GLY A 397 15.99 -11.91 -25.27
N ARG A 398 15.89 -10.80 -24.55
CA ARG A 398 15.54 -9.53 -25.18
C ARG A 398 15.70 -8.37 -24.22
N PHE A 399 15.66 -7.16 -24.77
CA PHE A 399 15.77 -5.95 -23.95
C PHE A 399 14.40 -5.68 -23.32
N GLY A 400 14.43 -5.21 -22.07
CA GLY A 400 13.20 -4.91 -21.38
C GLY A 400 13.30 -3.57 -20.68
N GLU A 401 12.24 -2.78 -20.79
CA GLU A 401 12.20 -1.45 -20.19
C GLU A 401 12.42 -1.51 -18.68
N VAL A 402 13.42 -0.77 -18.20
CA VAL A 402 13.68 -0.71 -16.76
C VAL A 402 13.43 0.68 -16.20
N THR A 403 13.41 1.69 -17.06
CA THR A 403 13.14 3.06 -16.61
C THR A 403 12.45 3.89 -17.69
N SER A 404 11.81 4.97 -17.27
CA SER A 404 11.16 5.91 -18.17
C SER A 404 11.42 7.29 -17.58
N ALA A 405 11.45 8.31 -18.43
CA ALA A 405 11.69 9.68 -17.97
C ALA A 405 10.82 10.56 -18.86
N SER A 406 10.00 11.41 -18.25
CA SER A 406 9.12 12.24 -19.04
C SER A 406 9.10 13.70 -18.64
N ASN A 407 9.05 14.58 -19.65
CA ASN A 407 8.94 16.01 -19.40
C ASN A 407 7.46 16.24 -19.64
N CYS A 408 6.74 16.64 -18.60
CA CYS A 408 5.31 16.88 -18.73
C CYS A 408 4.98 18.36 -18.91
N THR A 409 6.03 19.17 -19.11
CA THR A 409 5.89 20.62 -19.25
C THR A 409 4.84 21.14 -18.27
N ASP A 410 3.81 21.84 -18.76
CA ASP A 410 2.81 22.38 -17.85
C ASP A 410 1.46 21.66 -17.86
N PHE A 411 1.45 20.40 -18.28
CA PHE A 411 0.22 19.62 -18.32
C PHE A 411 -0.31 19.32 -16.92
N GLN A 412 0.56 18.86 -16.04
CA GLN A 412 0.16 18.55 -14.68
C GLN A 412 -0.03 19.84 -13.86
N SER A 413 0.88 20.80 -14.04
CA SER A 413 0.80 22.04 -13.30
C SER A 413 -0.46 22.86 -13.57
N ARG A 414 -0.97 22.81 -14.81
CA ARG A 414 -2.17 23.56 -15.14
C ARG A 414 -3.42 22.90 -14.57
N ARG A 415 -3.30 21.61 -14.28
CA ARG A 415 -4.41 20.85 -13.73
C ARG A 415 -4.41 20.85 -12.21
N LEU A 416 -3.22 20.87 -11.61
CA LEU A 416 -3.08 20.85 -10.16
C LEU A 416 -2.57 22.16 -9.59
N HIS A 417 -2.51 23.19 -10.42
CA HIS A 417 -2.04 24.51 -10.03
C HIS A 417 -0.70 24.49 -9.27
N ILE A 418 0.30 23.90 -9.91
CA ILE A 418 1.65 23.83 -9.38
C ILE A 418 2.36 25.06 -9.94
N MET A 419 2.47 26.10 -9.13
CA MET A 419 3.06 27.37 -9.56
C MET A 419 4.44 27.68 -8.99
N PHE A 420 5.02 28.75 -9.51
CA PHE A 420 6.30 29.25 -9.04
C PHE A 420 6.15 30.76 -9.10
N GLN A 421 6.82 31.47 -8.21
CA GLN A 421 6.73 32.92 -8.18
C GLN A 421 7.94 33.53 -8.87
N THR A 422 7.69 34.34 -9.90
CA THR A 422 8.75 34.97 -10.66
C THR A 422 9.46 36.05 -9.85
N GLU A 423 10.46 36.67 -10.47
CA GLU A 423 11.23 37.73 -9.84
C GLU A 423 10.29 38.88 -9.48
N ALA A 424 9.51 39.32 -10.47
CA ALA A 424 8.57 40.41 -10.31
C ALA A 424 7.54 40.14 -9.20
N GLY A 425 7.29 38.86 -8.92
CA GLY A 425 6.34 38.52 -7.89
C GLY A 425 5.01 38.03 -8.44
N GLU A 426 5.03 37.57 -9.69
CA GLU A 426 3.81 37.06 -10.32
C GLU A 426 3.83 35.53 -10.32
N LEU A 427 2.66 34.93 -10.31
CA LEU A 427 2.55 33.47 -10.31
C LEU A 427 2.46 32.94 -11.74
N GLN A 428 3.23 31.89 -12.01
CA GLN A 428 3.22 31.28 -13.33
C GLN A 428 3.25 29.78 -13.15
N PHE A 429 2.75 29.04 -14.15
CA PHE A 429 2.74 27.60 -14.07
C PHE A 429 4.15 27.04 -14.24
N ALA A 430 4.56 26.18 -13.33
CA ALA A 430 5.88 25.57 -13.41
C ALA A 430 5.79 24.38 -14.35
N HIS A 431 6.92 23.75 -14.62
CA HIS A 431 6.94 22.55 -15.45
C HIS A 431 7.33 21.41 -14.53
N THR A 432 6.79 20.23 -14.79
CA THR A 432 7.12 19.06 -13.98
C THR A 432 7.76 17.98 -14.84
N VAL A 433 8.69 17.25 -14.23
CA VAL A 433 9.42 16.19 -14.90
C VAL A 433 9.55 15.02 -13.94
N ASN A 434 9.43 13.81 -14.45
CA ASN A 434 9.58 12.63 -13.59
C ASN A 434 10.45 11.60 -14.28
N ALA A 435 11.08 10.74 -13.48
CA ALA A 435 11.95 9.72 -14.04
C ALA A 435 12.22 8.63 -13.01
N THR A 436 12.27 7.40 -13.50
CA THR A 436 12.53 6.25 -12.65
C THR A 436 13.98 6.29 -12.16
N GLY A 437 14.17 6.21 -10.84
CA GLY A 437 15.52 6.19 -10.28
C GLY A 437 15.93 4.73 -10.35
N CYS A 438 15.05 3.88 -9.86
CA CYS A 438 15.27 2.44 -9.91
C CYS A 438 14.00 1.72 -9.55
N ALA A 439 13.57 0.83 -10.44
CA ALA A 439 12.38 0.01 -10.23
C ALA A 439 12.98 -1.37 -10.01
N VAL A 440 12.77 -1.92 -8.82
CA VAL A 440 13.36 -3.19 -8.46
C VAL A 440 13.12 -4.46 -9.27
N PRO A 441 11.84 -4.81 -9.54
CA PRO A 441 11.56 -6.03 -10.29
C PRO A 441 12.40 -6.33 -11.52
N ARG A 442 12.35 -5.45 -12.52
CA ARG A 442 13.09 -5.70 -13.75
C ARG A 442 14.60 -5.56 -13.61
N LEU A 443 15.05 -4.85 -12.58
CA LEU A 443 16.49 -4.74 -12.36
C LEU A 443 16.95 -6.09 -11.80
N LEU A 444 16.10 -6.73 -11.01
CA LEU A 444 16.43 -8.04 -10.48
C LEU A 444 16.56 -9.00 -11.66
N ILE A 445 15.65 -8.90 -12.61
CA ILE A 445 15.68 -9.77 -13.78
C ILE A 445 17.00 -9.58 -14.54
N ALA A 446 17.32 -8.33 -14.85
CA ALA A 446 18.54 -8.01 -15.59
C ALA A 446 19.81 -8.43 -14.84
N LEU A 447 19.84 -8.18 -13.54
CA LEU A 447 21.00 -8.55 -12.74
C LEU A 447 21.17 -10.06 -12.61
N LEU A 448 20.10 -10.75 -12.22
CA LEU A 448 20.17 -12.19 -12.07
C LEU A 448 20.50 -12.91 -13.37
N GLU A 449 19.91 -12.48 -14.47
CA GLU A 449 20.16 -13.13 -15.75
C GLU A 449 21.49 -12.76 -16.40
N SER A 450 22.02 -11.59 -16.08
CA SER A 450 23.28 -11.16 -16.67
C SER A 450 24.49 -11.66 -15.90
N TYR A 451 24.33 -11.85 -14.58
CA TYR A 451 25.44 -12.30 -13.75
C TYR A 451 25.40 -13.76 -13.33
N GLN A 452 24.42 -14.50 -13.84
CA GLN A 452 24.29 -15.91 -13.52
C GLN A 452 25.52 -16.69 -13.97
N GLN A 453 25.82 -17.75 -13.22
CA GLN A 453 26.97 -18.60 -13.51
C GLN A 453 26.48 -20.00 -13.86
N LYS A 454 27.34 -20.80 -14.46
CA LYS A 454 26.96 -22.15 -14.85
C LYS A 454 26.49 -23.00 -13.67
N ASP A 455 27.12 -22.84 -12.52
CA ASP A 455 26.73 -23.63 -11.35
C ASP A 455 25.49 -23.11 -10.63
N GLY A 456 24.86 -22.09 -11.19
CA GLY A 456 23.65 -21.54 -10.58
C GLY A 456 23.87 -20.34 -9.68
N SER A 457 25.12 -20.08 -9.29
CA SER A 457 25.40 -18.94 -8.44
C SER A 457 25.28 -17.67 -9.27
N VAL A 458 25.22 -16.52 -8.60
CA VAL A 458 25.11 -15.23 -9.29
C VAL A 458 26.14 -14.26 -8.74
N LEU A 459 26.98 -13.71 -9.62
CA LEU A 459 27.98 -12.75 -9.17
C LEU A 459 27.30 -11.44 -8.83
N VAL A 460 27.86 -10.73 -7.85
CA VAL A 460 27.30 -9.46 -7.42
C VAL A 460 28.13 -8.28 -7.92
N PRO A 461 27.48 -7.32 -8.60
CA PRO A 461 28.19 -6.15 -9.12
C PRO A 461 28.89 -5.43 -7.96
N PRO A 462 30.12 -4.96 -8.17
CA PRO A 462 30.89 -4.26 -7.13
C PRO A 462 30.07 -3.20 -6.39
N ALA A 463 29.29 -2.42 -7.13
CA ALA A 463 28.49 -1.36 -6.53
C ALA A 463 27.48 -1.88 -5.51
N LEU A 464 27.06 -3.14 -5.66
CA LEU A 464 26.10 -3.72 -4.73
C LEU A 464 26.72 -4.62 -3.67
N GLN A 465 28.02 -4.85 -3.77
CA GLN A 465 28.70 -5.70 -2.80
C GLN A 465 28.65 -5.18 -1.36
N PRO A 466 28.69 -3.85 -1.16
CA PRO A 466 28.64 -3.34 0.21
C PRO A 466 27.30 -3.68 0.89
N TYR A 467 26.26 -3.88 0.10
CA TYR A 467 24.93 -4.20 0.63
C TYR A 467 24.67 -5.68 0.75
N LEU A 468 25.34 -6.47 -0.09
CA LEU A 468 25.17 -7.92 -0.06
C LEU A 468 26.13 -8.61 0.87
N GLY A 469 27.27 -7.99 1.15
CA GLY A 469 28.25 -8.59 2.03
C GLY A 469 28.98 -9.75 1.38
N THR A 470 28.82 -9.89 0.07
CA THR A 470 29.48 -10.96 -0.67
C THR A 470 29.61 -10.58 -2.14
N ASP A 471 30.51 -11.25 -2.85
CA ASP A 471 30.71 -10.97 -4.26
C ASP A 471 30.03 -12.05 -5.09
N ARG A 472 29.40 -13.01 -4.41
CA ARG A 472 28.71 -14.09 -5.10
C ARG A 472 27.60 -14.69 -4.27
N ILE A 473 26.40 -14.74 -4.87
CA ILE A 473 25.23 -15.31 -4.21
C ILE A 473 25.23 -16.80 -4.51
N THR A 474 25.20 -17.62 -3.46
CA THR A 474 25.21 -19.06 -3.61
C THR A 474 24.03 -19.73 -2.91
N THR A 475 23.95 -21.05 -3.04
CA THR A 475 22.89 -21.84 -2.42
C THR A 475 22.80 -21.48 -0.93
N PRO A 476 21.57 -21.30 -0.43
CA PRO A 476 21.41 -20.93 0.98
C PRO A 476 21.61 -22.11 1.93
N THR A 477 21.83 -21.80 3.20
CA THR A 477 22.05 -22.81 4.22
C THR A 477 20.76 -23.52 4.64
N HIS A 478 19.69 -22.75 4.77
CA HIS A 478 18.41 -23.31 5.19
C HIS A 478 17.81 -24.33 4.23
N VAL A 479 16.96 -25.18 4.78
CA VAL A 479 16.26 -26.19 3.99
C VAL A 479 15.02 -25.50 3.44
N PRO A 480 14.80 -25.56 2.12
CA PRO A 480 13.63 -24.90 1.53
C PRO A 480 12.33 -25.40 2.16
N LEU A 481 11.37 -24.50 2.29
CA LEU A 481 10.08 -24.88 2.86
C LEU A 481 9.43 -26.01 2.07
N GLN A 482 8.78 -26.92 2.78
CA GLN A 482 8.11 -28.04 2.14
C GLN A 482 6.60 -27.85 2.26
N TYR A 483 5.88 -28.00 1.15
CA TYR A 483 4.44 -27.85 1.16
C TYR A 483 3.80 -29.06 1.85
N ILE A 484 2.99 -28.79 2.87
CA ILE A 484 2.34 -29.87 3.60
C ILE A 484 0.82 -29.77 3.58
N GLY A 485 0.30 -28.98 2.64
CA GLY A 485 -1.14 -28.81 2.51
C GLY A 485 -1.76 -30.07 1.91
N PRO A 486 -3.10 -30.13 1.83
CA PRO A 486 -3.82 -31.29 1.28
C PRO A 486 -3.81 -31.44 -0.24
N ASN A 487 -3.38 -30.41 -0.95
CA ASN A 487 -3.39 -30.47 -2.41
C ASN A 487 -2.11 -30.94 -3.08
N GLN A 488 -1.84 -32.24 -2.94
CA GLN A 488 -0.66 -32.86 -3.53
C GLN A 488 -0.88 -34.37 -3.52
N PRO A 489 -0.23 -35.10 -4.45
CA PRO A 489 -0.37 -36.55 -4.53
C PRO A 489 -0.27 -37.24 -3.17
N GLN A 490 0.88 -37.09 -2.52
CA GLN A 490 1.09 -37.69 -1.20
C GLN A 490 0.65 -36.71 -0.10
N GLN B 22 -21.31 -9.76 7.28
CA GLN B 22 -21.47 -11.24 7.40
C GLN B 22 -20.59 -11.81 8.51
N ASP B 23 -20.98 -12.97 9.01
CA ASP B 23 -20.23 -13.63 10.06
C ASP B 23 -19.43 -14.82 9.54
N ARG B 24 -19.37 -14.96 8.21
CA ARG B 24 -18.64 -16.08 7.61
C ARG B 24 -17.17 -15.97 7.97
N ASN B 25 -16.62 -17.03 8.55
CA ASN B 25 -15.21 -17.05 8.95
C ASN B 25 -14.34 -17.40 7.75
N LEU B 26 -13.38 -16.52 7.45
CA LEU B 26 -12.49 -16.70 6.31
C LEU B 26 -11.66 -17.98 6.35
N LEU B 27 -11.23 -18.39 7.54
CA LEU B 27 -10.45 -19.61 7.66
C LEU B 27 -11.31 -20.81 7.29
N TYR B 28 -12.56 -20.81 7.76
CA TYR B 28 -13.46 -21.91 7.46
C TYR B 28 -13.81 -21.96 5.98
N GLU B 29 -14.15 -20.81 5.40
CA GLU B 29 -14.49 -20.75 3.98
C GLU B 29 -13.32 -21.24 3.14
N HIS B 30 -12.13 -20.80 3.54
CA HIS B 30 -10.89 -21.18 2.85
C HIS B 30 -10.78 -22.70 2.83
N ALA B 31 -11.06 -23.33 3.97
CA ALA B 31 -10.98 -24.78 4.08
C ALA B 31 -12.11 -25.47 3.32
N ARG B 32 -13.30 -24.89 3.37
CA ARG B 32 -14.47 -25.42 2.67
C ARG B 32 -14.16 -25.59 1.18
N GLU B 33 -13.52 -24.59 0.61
CA GLU B 33 -13.18 -24.62 -0.81
C GLU B 33 -12.03 -25.59 -1.06
N GLY B 34 -11.46 -26.13 0.01
CA GLY B 34 -10.37 -27.08 -0.12
C GLY B 34 -9.00 -26.45 -0.38
N TYR B 35 -8.88 -25.15 -0.14
CA TYR B 35 -7.63 -24.45 -0.37
C TYR B 35 -6.56 -24.87 0.64
N SER B 36 -6.99 -25.16 1.86
CA SER B 36 -6.12 -25.61 2.94
C SER B 36 -6.96 -26.54 3.80
N ALA B 37 -6.33 -27.17 4.78
CA ALA B 37 -7.05 -28.05 5.69
C ALA B 37 -7.68 -27.17 6.76
N LEU B 38 -8.67 -27.70 7.48
CA LEU B 38 -9.32 -26.95 8.54
C LEU B 38 -8.31 -26.69 9.66
N PRO B 39 -8.48 -25.59 10.41
CA PRO B 39 -7.54 -25.33 11.50
C PRO B 39 -7.62 -26.50 12.46
N LEU B 40 -6.50 -26.87 13.06
CA LEU B 40 -6.45 -27.99 13.98
C LEU B 40 -6.30 -27.44 15.40
N LEU B 41 -7.43 -27.31 16.10
CA LEU B 41 -7.43 -26.78 17.46
C LEU B 41 -7.23 -27.87 18.51
N ASP B 42 -6.57 -27.52 19.62
CA ASP B 42 -6.34 -28.49 20.68
C ASP B 42 -7.57 -28.62 21.58
N MET B 43 -8.55 -29.37 21.10
CA MET B 43 -9.78 -29.58 21.86
C MET B 43 -9.60 -30.55 23.01
N GLU B 44 -8.63 -31.45 22.88
CA GLU B 44 -8.38 -32.43 23.93
C GLU B 44 -8.06 -31.72 25.23
N SER B 45 -7.21 -30.70 25.15
CA SER B 45 -6.83 -29.94 26.34
C SER B 45 -8.00 -29.13 26.88
N LEU B 46 -8.74 -28.51 25.96
CA LEU B 46 -9.89 -27.69 26.34
C LEU B 46 -10.95 -28.52 27.06
N CYS B 47 -11.27 -29.69 26.52
CA CYS B 47 -12.28 -30.56 27.12
C CYS B 47 -11.80 -31.15 28.44
N ALA B 48 -10.50 -31.33 28.58
CA ALA B 48 -9.93 -31.89 29.80
C ALA B 48 -9.96 -30.88 30.94
N TYR B 49 -9.70 -29.62 30.62
CA TYR B 49 -9.70 -28.56 31.63
C TYR B 49 -10.54 -27.36 31.19
N PRO B 50 -11.86 -27.54 31.10
CA PRO B 50 -12.79 -26.47 30.70
C PRO B 50 -12.90 -25.35 31.71
N GLU B 51 -12.78 -25.68 32.99
CA GLU B 51 -12.87 -24.68 34.06
C GLU B 51 -11.74 -23.65 33.96
N ASP B 52 -10.52 -24.15 33.80
CA ASP B 52 -9.35 -23.29 33.69
C ASP B 52 -9.47 -22.40 32.45
N ALA B 53 -9.95 -22.97 31.35
CA ALA B 53 -10.12 -22.24 30.11
C ALA B 53 -11.15 -21.13 30.26
N ALA B 54 -12.26 -21.44 30.92
CA ALA B 54 -13.34 -20.48 31.14
C ALA B 54 -12.89 -19.28 31.95
N ARG B 55 -12.13 -19.54 33.01
CA ARG B 55 -11.65 -18.46 33.88
C ARG B 55 -10.70 -17.53 33.13
N ALA B 56 -9.76 -18.09 32.39
CA ALA B 56 -8.80 -17.28 31.64
C ALA B 56 -9.53 -16.52 30.54
N LEU B 57 -10.55 -17.16 29.97
CA LEU B 57 -11.35 -16.55 28.91
C LEU B 57 -12.01 -15.29 29.45
N ASP B 58 -12.66 -15.40 30.61
CA ASP B 58 -13.32 -14.26 31.20
C ASP B 58 -12.37 -13.11 31.51
N LEU B 59 -11.17 -13.45 31.99
CA LEU B 59 -10.18 -12.43 32.34
C LEU B 59 -9.69 -11.62 31.14
N ARG B 60 -9.85 -12.16 29.93
CA ARG B 60 -9.42 -11.42 28.75
C ARG B 60 -10.46 -10.39 28.34
N LYS B 61 -11.70 -10.60 28.78
CA LYS B 61 -12.80 -9.69 28.45
C LYS B 61 -12.90 -9.46 26.95
N GLY B 62 -12.86 -10.56 26.20
CA GLY B 62 -12.97 -10.47 24.75
C GLY B 62 -14.39 -10.78 24.32
N GLU B 63 -14.58 -11.11 23.05
CA GLU B 63 -15.90 -11.42 22.53
C GLU B 63 -16.57 -12.57 23.30
N LEU B 64 -15.92 -13.73 23.31
CA LEU B 64 -16.47 -14.89 23.99
C LEU B 64 -16.19 -14.87 25.49
N ARG B 65 -17.14 -15.38 26.27
CA ARG B 65 -17.01 -15.44 27.72
C ARG B 65 -17.28 -16.87 28.18
N SER B 66 -17.06 -17.13 29.46
CA SER B 66 -17.27 -18.45 30.03
C SER B 66 -18.62 -19.10 29.69
N LYS B 67 -19.66 -18.28 29.59
CA LYS B 67 -20.99 -18.81 29.29
C LYS B 67 -21.08 -19.45 27.90
N ASP B 68 -20.17 -19.07 27.02
CA ASP B 68 -20.14 -19.59 25.65
C ASP B 68 -19.39 -20.92 25.49
N LEU B 69 -18.49 -21.22 26.42
CA LEU B 69 -17.69 -22.45 26.32
C LEU B 69 -18.43 -23.78 26.26
N PRO B 70 -19.41 -23.99 27.17
CA PRO B 70 -20.14 -25.26 27.15
C PRO B 70 -20.72 -25.60 25.77
N GLY B 71 -21.33 -24.61 25.12
CA GLY B 71 -21.91 -24.83 23.81
C GLY B 71 -20.89 -25.20 22.75
N ILE B 72 -19.72 -24.58 22.83
CA ILE B 72 -18.67 -24.86 21.86
C ILE B 72 -18.15 -26.29 22.05
N ILE B 73 -17.90 -26.67 23.30
CA ILE B 73 -17.42 -28.01 23.61
C ILE B 73 -18.47 -29.04 23.22
N SER B 74 -19.73 -28.73 23.51
CA SER B 74 -20.82 -29.64 23.17
C SER B 74 -20.98 -29.83 21.67
N THR B 75 -20.82 -28.77 20.89
CA THR B 75 -20.94 -28.89 19.44
C THR B 75 -19.84 -29.83 18.95
N TRP B 76 -18.64 -29.68 19.50
CA TRP B 76 -17.51 -30.52 19.13
C TRP B 76 -17.83 -31.97 19.46
N GLN B 77 -18.33 -32.22 20.67
CA GLN B 77 -18.67 -33.56 21.08
C GLN B 77 -19.79 -34.17 20.23
N GLU B 78 -20.78 -33.35 19.89
CA GLU B 78 -21.89 -33.82 19.06
C GLU B 78 -21.38 -34.18 17.67
N LEU B 79 -20.46 -33.37 17.16
CA LEU B 79 -19.89 -33.61 15.83
C LEU B 79 -19.11 -34.93 15.84
N ARG B 80 -18.35 -35.17 16.90
CA ARG B 80 -17.57 -36.40 17.01
C ARG B 80 -18.47 -37.62 16.94
N GLN B 81 -19.60 -37.58 17.64
CA GLN B 81 -20.52 -38.72 17.63
C GLN B 81 -21.24 -38.87 16.30
N LEU B 82 -21.54 -37.74 15.65
CA LEU B 82 -22.22 -37.78 14.36
C LEU B 82 -21.31 -38.48 13.36
N ARG B 83 -20.03 -38.14 13.39
CA ARG B 83 -19.05 -38.74 12.47
C ARG B 83 -18.92 -40.23 12.75
N GLU B 84 -19.13 -40.61 14.01
CA GLU B 84 -19.04 -42.01 14.40
C GLU B 84 -20.25 -42.73 13.83
N GLN B 85 -21.40 -42.06 13.86
CA GLN B 85 -22.64 -42.62 13.34
C GLN B 85 -22.55 -42.76 11.83
N ILE B 86 -21.98 -41.76 11.18
CA ILE B 86 -21.82 -41.77 9.73
C ILE B 86 -20.92 -42.92 9.30
N ARG B 87 -19.77 -43.04 9.94
CA ARG B 87 -18.82 -44.11 9.64
C ARG B 87 -19.50 -45.46 9.83
N SER B 88 -20.25 -45.59 10.91
CA SER B 88 -20.96 -46.83 11.21
C SER B 88 -21.93 -47.19 10.09
N LEU B 89 -22.66 -46.19 9.59
CA LEU B 89 -23.61 -46.42 8.51
C LEU B 89 -22.90 -46.68 7.19
N GLU B 90 -21.73 -46.07 7.01
CA GLU B 90 -20.96 -46.28 5.78
C GLU B 90 -20.44 -47.71 5.74
N GLU B 91 -19.90 -48.17 6.87
CA GLU B 91 -19.37 -49.52 6.96
C GLU B 91 -20.51 -50.52 6.76
N GLU B 92 -21.65 -50.25 7.37
CA GLU B 92 -22.80 -51.15 7.26
C GLU B 92 -23.30 -51.23 5.82
N LYS B 93 -23.16 -50.14 5.08
CA LYS B 93 -23.60 -50.11 3.69
C LYS B 93 -22.72 -51.05 2.87
N GLU B 94 -21.42 -51.00 3.13
CA GLU B 94 -20.49 -51.87 2.40
C GLU B 94 -20.68 -53.31 2.87
N ALA B 95 -21.45 -53.48 3.94
CA ALA B 95 -21.73 -54.81 4.47
C ALA B 95 -22.99 -55.32 3.78
N VAL B 96 -23.90 -54.40 3.47
CA VAL B 96 -25.14 -54.74 2.80
C VAL B 96 -24.88 -54.91 1.31
N THR B 97 -23.86 -54.20 0.80
CA THR B 97 -23.50 -54.28 -0.61
C THR B 97 -22.90 -55.65 -0.87
N GLU B 98 -22.44 -56.30 0.20
CA GLU B 98 -21.85 -57.63 0.10
C GLU B 98 -22.98 -58.66 0.17
N ALA B 99 -24.05 -58.30 0.88
CA ALA B 99 -25.20 -59.18 1.01
C ALA B 99 -25.85 -59.31 -0.36
N VAL B 100 -25.39 -58.48 -1.29
CA VAL B 100 -25.89 -58.46 -2.66
C VAL B 100 -24.79 -58.93 -3.61
N ARG B 101 -23.58 -58.40 -3.42
CA ARG B 101 -22.45 -58.76 -4.26
C ARG B 101 -22.16 -60.25 -4.10
N ALA B 102 -22.25 -60.74 -2.86
CA ALA B 102 -22.01 -62.15 -2.59
C ALA B 102 -23.13 -62.96 -3.22
N LEU B 103 -24.17 -62.26 -3.67
CA LEU B 103 -25.31 -62.89 -4.31
C LEU B 103 -25.51 -62.40 -5.74
N VAL B 104 -24.57 -62.77 -6.62
CA VAL B 104 -24.63 -62.40 -8.03
C VAL B 104 -24.31 -63.68 -8.80
N VAL B 105 -23.68 -64.61 -8.10
CA VAL B 105 -23.30 -65.91 -8.66
C VAL B 105 -23.69 -67.00 -7.66
N ASN B 106 -24.75 -66.74 -6.91
CA ASN B 106 -25.25 -67.68 -5.90
C ASN B 106 -26.78 -67.60 -5.86
N GLN B 107 -27.44 -68.68 -6.27
CA GLN B 107 -28.91 -68.71 -6.29
C GLN B 107 -29.48 -67.54 -7.08
N ASP B 108 -28.68 -67.00 -7.99
CA ASP B 108 -29.10 -65.86 -8.79
C ASP B 108 -29.73 -66.27 -10.12
N ASN B 109 -30.62 -67.26 -10.06
CA ASN B 109 -31.33 -67.73 -11.24
C ASN B 109 -32.46 -66.75 -11.48
N SER B 110 -33.37 -66.71 -10.52
CA SER B 110 -34.55 -65.84 -10.54
C SER B 110 -35.13 -65.91 -9.14
N GLN B 111 -34.35 -66.49 -8.23
CA GLN B 111 -34.75 -66.68 -6.84
C GLN B 111 -34.47 -65.44 -5.98
N VAL B 112 -33.23 -64.95 -6.06
CA VAL B 112 -32.80 -63.79 -5.29
C VAL B 112 -33.72 -62.58 -5.46
N GLN B 113 -34.30 -62.43 -6.64
CA GLN B 113 -35.17 -61.30 -6.93
C GLN B 113 -36.36 -61.20 -5.98
N GLN B 114 -36.65 -62.27 -5.24
CA GLN B 114 -37.78 -62.26 -4.31
C GLN B 114 -37.56 -63.12 -3.07
N ASP B 115 -36.31 -63.53 -2.85
CA ASP B 115 -35.99 -64.36 -1.68
C ASP B 115 -36.34 -63.66 -0.37
N PRO B 116 -36.36 -64.42 0.75
CA PRO B 116 -36.68 -63.84 2.05
C PRO B 116 -35.77 -62.69 2.44
N GLN B 117 -34.59 -62.65 1.82
CA GLN B 117 -33.61 -61.60 2.10
C GLN B 117 -33.69 -60.46 1.09
N TYR B 118 -34.84 -60.34 0.42
CA TYR B 118 -35.05 -59.27 -0.55
C TYR B 118 -35.31 -58.02 0.30
N GLN B 119 -36.35 -58.09 1.12
CA GLN B 119 -36.70 -56.98 2.00
C GLN B 119 -36.02 -57.28 3.33
N SER B 120 -35.69 -56.23 4.07
CA SER B 120 -35.03 -56.35 5.37
C SER B 120 -33.52 -56.55 5.23
N LEU B 121 -33.08 -56.94 4.04
CA LEU B 121 -31.66 -57.15 3.78
C LEU B 121 -31.20 -56.47 2.49
N ARG B 122 -32.08 -55.62 1.94
CA ARG B 122 -31.79 -54.89 0.72
C ARG B 122 -32.53 -53.56 0.79
N ALA B 123 -33.65 -53.56 1.52
CA ALA B 123 -34.45 -52.36 1.70
C ALA B 123 -33.79 -51.51 2.77
N ARG B 124 -32.94 -52.14 3.58
CA ARG B 124 -32.22 -51.44 4.64
C ARG B 124 -30.94 -50.89 4.02
N GLY B 125 -30.82 -51.05 2.71
CA GLY B 125 -29.65 -50.54 2.01
C GLY B 125 -29.96 -49.17 1.44
N ARG B 126 -31.23 -48.92 1.15
CA ARG B 126 -31.65 -47.64 0.62
C ARG B 126 -32.06 -46.73 1.78
N GLU B 127 -32.23 -47.34 2.95
CA GLU B 127 -32.59 -46.60 4.15
C GLU B 127 -31.31 -45.95 4.66
N ILE B 128 -30.19 -46.64 4.47
CA ILE B 128 -28.89 -46.14 4.89
C ILE B 128 -28.49 -44.98 3.99
N ARG B 129 -28.75 -45.12 2.70
CA ARG B 129 -28.44 -44.09 1.73
C ARG B 129 -29.27 -42.84 2.05
N LYS B 130 -30.53 -43.07 2.41
CA LYS B 130 -31.43 -41.98 2.75
C LYS B 130 -30.93 -41.23 3.98
N GLN B 131 -30.45 -41.97 4.97
CA GLN B 131 -29.95 -41.36 6.20
C GLN B 131 -28.65 -40.60 5.95
N LEU B 132 -27.70 -41.24 5.27
CA LEU B 132 -26.42 -40.61 4.97
C LEU B 132 -26.59 -39.33 4.17
N THR B 133 -27.59 -39.28 3.29
CA THR B 133 -27.82 -38.09 2.48
C THR B 133 -28.26 -36.94 3.38
N LEU B 134 -28.79 -37.27 4.55
CA LEU B 134 -29.25 -36.27 5.50
C LEU B 134 -28.16 -35.95 6.52
N LEU B 135 -27.39 -36.96 6.91
CA LEU B 135 -26.33 -36.79 7.89
C LEU B 135 -25.12 -36.01 7.36
N TYR B 136 -24.78 -36.22 6.09
CA TYR B 136 -23.65 -35.50 5.51
C TYR B 136 -23.86 -33.99 5.61
N PRO B 137 -25.06 -33.50 5.21
CA PRO B 137 -25.31 -32.04 5.30
C PRO B 137 -25.29 -31.58 6.76
N LYS B 138 -25.82 -32.42 7.65
CA LYS B 138 -25.85 -32.11 9.08
C LYS B 138 -24.43 -31.97 9.61
N GLU B 139 -23.54 -32.87 9.17
CA GLU B 139 -22.14 -32.81 9.61
C GLU B 139 -21.53 -31.48 9.19
N ALA B 140 -21.77 -31.08 7.94
CA ALA B 140 -21.23 -29.83 7.44
C ALA B 140 -21.75 -28.65 8.26
N GLN B 141 -23.03 -28.68 8.60
CA GLN B 141 -23.64 -27.62 9.39
C GLN B 141 -23.03 -27.57 10.79
N LEU B 142 -22.91 -28.72 11.43
CA LEU B 142 -22.34 -28.80 12.77
C LEU B 142 -20.90 -28.33 12.76
N GLU B 143 -20.15 -28.74 11.72
CA GLU B 143 -18.76 -28.36 11.59
C GLU B 143 -18.62 -26.84 11.50
N GLU B 144 -19.44 -26.20 10.67
CA GLU B 144 -19.36 -24.76 10.53
C GLU B 144 -19.75 -24.10 11.85
N GLN B 145 -20.79 -24.63 12.49
CA GLN B 145 -21.25 -24.09 13.77
C GLN B 145 -20.10 -24.07 14.77
N PHE B 146 -19.34 -25.17 14.80
CA PHE B 146 -18.22 -25.28 15.72
C PHE B 146 -17.12 -24.27 15.42
N TYR B 147 -16.64 -24.28 14.19
CA TYR B 147 -15.54 -23.38 13.83
C TYR B 147 -15.86 -21.89 13.92
N LEU B 148 -17.08 -21.48 13.57
CA LEU B 148 -17.43 -20.07 13.65
C LEU B 148 -17.21 -19.54 15.06
N ARG B 149 -17.49 -20.38 16.06
CA ARG B 149 -17.33 -20.00 17.45
C ARG B 149 -15.94 -20.31 18.01
N ALA B 150 -15.49 -21.55 17.82
CA ALA B 150 -14.19 -21.97 18.33
C ALA B 150 -13.02 -21.11 17.84
N LEU B 151 -13.09 -20.66 16.59
CA LEU B 151 -12.00 -19.84 16.04
C LEU B 151 -11.96 -18.45 16.66
N ARG B 152 -12.98 -18.11 17.44
CA ARG B 152 -13.02 -16.81 18.10
C ARG B 152 -12.54 -16.90 19.55
N LEU B 153 -12.11 -18.10 19.93
CA LEU B 153 -11.57 -18.35 21.26
C LEU B 153 -10.13 -17.86 21.24
N PRO B 154 -9.64 -17.28 22.35
CA PRO B 154 -8.27 -16.79 22.38
C PRO B 154 -7.25 -17.88 22.69
N ASN B 155 -5.98 -17.52 22.60
CA ASN B 155 -4.88 -18.42 22.90
C ASN B 155 -4.91 -18.58 24.42
N GLN B 156 -4.07 -19.48 24.94
CA GLN B 156 -3.98 -19.67 26.38
C GLN B 156 -3.27 -18.42 26.92
N THR B 157 -3.19 -18.32 28.24
CA THR B 157 -2.57 -17.16 28.90
C THR B 157 -1.41 -17.59 29.79
N HIS B 158 -0.27 -16.93 29.64
CA HIS B 158 0.90 -17.25 30.46
C HIS B 158 0.51 -16.99 31.91
N PRO B 159 0.93 -17.87 32.84
CA PRO B 159 0.61 -17.74 34.27
C PRO B 159 0.99 -16.41 34.93
N ASP B 160 2.02 -15.74 34.42
CA ASP B 160 2.45 -14.48 35.02
C ASP B 160 1.83 -13.21 34.45
N VAL B 161 0.97 -13.33 33.46
CA VAL B 161 0.33 -12.15 32.89
C VAL B 161 -0.50 -11.42 33.94
N PRO B 162 -0.30 -10.10 34.08
CA PRO B 162 -1.07 -9.32 35.06
C PRO B 162 -2.55 -9.36 34.72
N VAL B 163 -3.41 -9.46 35.74
CA VAL B 163 -4.84 -9.52 35.49
C VAL B 163 -5.48 -8.14 35.41
N GLY B 164 -6.28 -7.93 34.37
CA GLY B 164 -6.98 -6.66 34.25
C GLY B 164 -6.86 -5.87 32.97
N ASP B 165 -7.34 -4.63 33.05
CA ASP B 165 -7.34 -3.70 31.93
C ASP B 165 -5.94 -3.14 31.74
N GLU B 166 -5.77 -2.35 30.68
CA GLU B 166 -4.48 -1.75 30.33
C GLU B 166 -3.73 -1.08 31.48
N SER B 167 -4.47 -0.43 32.37
CA SER B 167 -3.86 0.26 33.50
C SER B 167 -3.16 -0.69 34.46
N GLN B 168 -3.41 -1.99 34.31
CA GLN B 168 -2.79 -2.98 35.18
C GLN B 168 -1.46 -3.52 34.64
N ALA B 169 -0.98 -2.95 33.55
CA ALA B 169 0.30 -3.37 32.98
C ALA B 169 1.37 -3.21 34.05
N ARG B 170 2.30 -4.16 34.12
CA ARG B 170 3.36 -4.12 35.11
C ARG B 170 4.65 -3.55 34.52
N VAL B 171 5.23 -2.56 35.19
CA VAL B 171 6.46 -1.97 34.73
C VAL B 171 7.64 -2.88 35.07
N LEU B 172 8.30 -3.40 34.05
CA LEU B 172 9.42 -4.31 34.21
C LEU B 172 10.78 -3.60 34.26
N HIS B 173 10.91 -2.54 33.47
CA HIS B 173 12.15 -1.77 33.41
C HIS B 173 11.88 -0.32 33.06
N VAL B 174 12.71 0.57 33.59
CA VAL B 174 12.63 1.99 33.27
C VAL B 174 14.08 2.33 32.91
N VAL B 175 14.28 2.78 31.67
CA VAL B 175 15.62 3.10 31.21
C VAL B 175 15.75 4.60 30.95
N GLY B 176 16.82 5.19 31.47
CA GLY B 176 17.05 6.62 31.30
C GLY B 176 16.14 7.47 32.17
N ASP B 177 16.08 8.77 31.88
CA ASP B 177 15.22 9.69 32.61
C ASP B 177 14.73 10.76 31.65
N LYS B 178 13.75 11.55 32.10
CA LYS B 178 13.20 12.61 31.24
C LYS B 178 14.26 13.63 30.87
N PRO B 179 14.30 14.04 29.60
CA PRO B 179 15.28 15.04 29.17
C PRO B 179 14.92 16.34 29.87
N ALA B 180 15.93 17.10 30.28
CA ALA B 180 15.71 18.37 30.94
C ALA B 180 15.89 19.49 29.93
N PHE B 181 14.94 20.42 29.91
CA PHE B 181 15.02 21.56 29.00
C PHE B 181 15.05 22.86 29.78
N SER B 182 15.51 23.93 29.12
CA SER B 182 15.58 25.23 29.74
C SER B 182 14.40 26.06 29.27
N PHE B 183 13.47 25.38 28.61
CA PHE B 183 12.26 25.99 28.05
C PHE B 183 11.19 24.90 28.00
N GLN B 184 9.95 25.30 27.76
CA GLN B 184 8.85 24.33 27.66
C GLN B 184 9.01 23.54 26.36
N PRO B 185 9.19 22.22 26.46
CA PRO B 185 9.33 21.43 25.22
C PRO B 185 8.11 21.54 24.33
N ARG B 186 8.34 21.71 23.03
CA ARG B 186 7.26 21.83 22.06
C ARG B 186 6.89 20.46 21.49
N GLY B 187 5.73 20.39 20.83
CA GLY B 187 5.28 19.14 20.23
C GLY B 187 6.01 18.88 18.92
N HIS B 188 6.10 17.61 18.51
CA HIS B 188 6.80 17.28 17.28
C HIS B 188 6.26 17.95 16.02
N LEU B 189 4.96 18.16 15.93
CA LEU B 189 4.40 18.78 14.73
C LEU B 189 4.88 20.22 14.59
N GLU B 190 4.87 20.98 15.68
CA GLU B 190 5.33 22.37 15.65
C GLU B 190 6.81 22.41 15.29
N ILE B 191 7.58 21.55 15.95
CA ILE B 191 9.02 21.48 15.72
C ILE B 191 9.30 21.18 14.25
N ALA B 192 8.60 20.19 13.72
CA ALA B 192 8.78 19.74 12.35
C ALA B 192 8.28 20.74 11.30
N GLU B 193 7.17 21.41 11.56
CA GLU B 193 6.67 22.37 10.59
C GLU B 193 7.62 23.56 10.46
N LYS B 194 8.22 23.97 11.58
CA LYS B 194 9.16 25.09 11.55
C LYS B 194 10.41 24.72 10.73
N LEU B 195 10.80 23.46 10.80
CA LEU B 195 11.98 22.98 10.08
C LEU B 195 11.57 22.41 8.72
N ASP B 196 10.28 22.48 8.44
CA ASP B 196 9.68 21.97 7.21
C ASP B 196 10.12 20.53 6.91
N ILE B 197 10.05 19.66 7.90
CA ILE B 197 10.43 18.26 7.68
C ILE B 197 9.23 17.30 7.77
N ILE B 198 8.10 17.82 8.23
CA ILE B 198 6.86 17.05 8.28
C ILE B 198 5.76 17.99 7.80
N ARG B 199 4.87 17.48 6.95
CA ARG B 199 3.74 18.29 6.49
C ARG B 199 2.44 17.52 6.63
N GLN B 200 1.44 18.19 7.20
CA GLN B 200 0.11 17.60 7.35
C GLN B 200 -0.98 18.59 6.92
N LYS B 201 -0.62 19.87 6.86
CA LYS B 201 -1.60 20.90 6.48
C LYS B 201 -1.98 20.89 5.00
N ARG B 202 -3.22 21.29 4.72
CA ARG B 202 -3.74 21.38 3.36
C ARG B 202 -3.67 20.06 2.59
N LEU B 203 -4.11 18.96 3.21
CA LEU B 203 -4.06 17.65 2.56
C LEU B 203 -5.39 16.88 2.58
N SER B 204 -6.41 17.42 3.22
CA SER B 204 -7.69 16.71 3.31
C SER B 204 -8.21 16.18 1.97
N HIS B 205 -8.07 16.97 0.92
CA HIS B 205 -8.57 16.55 -0.39
C HIS B 205 -7.46 16.07 -1.32
N VAL B 206 -6.28 15.83 -0.73
CA VAL B 206 -5.13 15.33 -1.47
C VAL B 206 -4.89 13.89 -1.03
N SER B 207 -4.65 13.71 0.26
CA SER B 207 -4.38 12.39 0.83
C SER B 207 -5.22 12.04 2.04
N GLY B 208 -6.12 12.95 2.44
CA GLY B 208 -6.99 12.68 3.57
C GLY B 208 -6.46 12.99 4.95
N HIS B 209 -7.35 12.89 5.95
CA HIS B 209 -6.97 13.16 7.32
C HIS B 209 -5.88 12.24 7.84
N ARG B 210 -5.01 12.82 8.68
CA ARG B 210 -3.91 12.12 9.31
C ARG B 210 -2.73 11.78 8.39
N SER B 211 -2.94 11.90 7.08
CA SER B 211 -1.88 11.63 6.12
C SER B 211 -0.75 12.63 6.34
N TYR B 212 0.44 12.32 5.84
CA TYR B 212 1.58 13.21 6.02
C TYR B 212 2.70 12.98 5.02
N TYR B 213 3.54 13.99 4.88
CA TYR B 213 4.73 13.93 4.03
C TYR B 213 5.92 14.17 4.95
N LEU B 214 7.03 13.51 4.64
CA LEU B 214 8.27 13.70 5.38
C LEU B 214 9.17 14.35 4.32
N ARG B 215 9.89 15.40 4.68
CA ARG B 215 10.77 16.10 3.72
C ARG B 215 12.14 16.39 4.29
N GLY B 216 13.15 16.36 3.42
CA GLY B 216 14.52 16.64 3.84
C GLY B 216 14.95 15.81 5.03
N ALA B 217 15.39 16.47 6.09
CA ALA B 217 15.84 15.78 7.29
C ALA B 217 14.78 14.82 7.83
N GLY B 218 13.51 15.13 7.58
CA GLY B 218 12.44 14.27 8.05
C GLY B 218 12.50 12.92 7.35
N ALA B 219 12.71 12.95 6.04
CA ALA B 219 12.81 11.72 5.26
C ALA B 219 14.10 11.00 5.62
N LEU B 220 15.17 11.75 5.86
CA LEU B 220 16.45 11.15 6.23
C LEU B 220 16.32 10.43 7.57
N LEU B 221 15.49 10.98 8.46
CA LEU B 221 15.27 10.38 9.78
C LEU B 221 14.57 9.03 9.61
N GLN B 222 13.57 8.97 8.73
CA GLN B 222 12.90 7.70 8.50
C GLN B 222 13.87 6.70 7.88
N HIS B 223 14.59 7.12 6.84
CA HIS B 223 15.54 6.23 6.20
C HIS B 223 16.59 5.76 7.20
N GLY B 224 17.02 6.66 8.07
CA GLY B 224 18.02 6.31 9.07
C GLY B 224 17.52 5.30 10.08
N LEU B 225 16.31 5.54 10.60
CA LEU B 225 15.74 4.60 11.56
C LEU B 225 15.57 3.20 10.97
N VAL B 226 15.00 3.15 9.77
CA VAL B 226 14.77 1.88 9.10
C VAL B 226 16.07 1.14 8.80
N ASN B 227 17.04 1.85 8.24
CA ASN B 227 18.32 1.21 7.91
C ASN B 227 19.15 0.85 9.13
N PHE B 228 19.11 1.69 10.17
CA PHE B 228 19.83 1.39 11.39
C PHE B 228 19.29 0.09 11.96
N THR B 229 17.97 -0.02 11.99
CA THR B 229 17.32 -1.22 12.52
C THR B 229 17.57 -2.46 11.65
N LEU B 230 17.39 -2.32 10.34
CA LEU B 230 17.63 -3.45 9.44
C LEU B 230 19.09 -3.92 9.52
N ASN B 231 20.02 -2.96 9.50
CA ASN B 231 21.43 -3.29 9.57
C ASN B 231 21.75 -4.07 10.85
N LYS B 232 21.24 -3.58 11.97
CA LYS B 232 21.46 -4.22 13.26
C LYS B 232 20.97 -5.67 13.29
N LEU B 233 19.71 -5.86 12.88
CA LEU B 233 19.12 -7.19 12.89
C LEU B 233 19.73 -8.14 11.85
N ILE B 234 20.03 -7.63 10.66
CA ILE B 234 20.65 -8.48 9.64
C ILE B 234 22.02 -8.92 10.16
N HIS B 235 22.72 -8.00 10.80
CA HIS B 235 24.04 -8.29 11.34
C HIS B 235 23.95 -9.29 12.50
N ARG B 236 22.79 -9.35 13.15
CA ARG B 236 22.58 -10.27 14.27
C ARG B 236 22.01 -11.61 13.83
N GLY B 237 22.00 -11.87 12.53
CA GLY B 237 21.52 -13.15 12.04
C GLY B 237 20.07 -13.30 11.63
N PHE B 238 19.36 -12.18 11.44
CA PHE B 238 17.97 -12.25 11.01
C PHE B 238 17.96 -12.32 9.48
N THR B 239 17.12 -13.18 8.93
CA THR B 239 17.02 -13.32 7.47
C THR B 239 16.09 -12.23 6.93
N PRO B 240 16.60 -11.38 6.03
CA PRO B 240 15.77 -10.31 5.47
C PRO B 240 14.72 -10.87 4.50
N MET B 241 13.56 -10.22 4.48
CA MET B 241 12.45 -10.64 3.63
C MET B 241 11.66 -9.43 3.14
N THR B 242 10.99 -9.60 2.00
CA THR B 242 10.07 -8.56 1.53
C THR B 242 8.82 -9.39 1.32
N VAL B 243 7.67 -8.83 1.70
CA VAL B 243 6.41 -9.55 1.57
C VAL B 243 5.38 -8.74 0.83
N PRO B 244 4.35 -9.39 0.31
CA PRO B 244 3.28 -8.68 -0.41
C PRO B 244 2.51 -7.84 0.62
N ASP B 245 2.04 -6.67 0.22
CA ASP B 245 1.31 -5.79 1.14
C ASP B 245 -0.17 -6.16 1.09
N LEU B 246 -0.62 -6.57 -0.10
CA LEU B 246 -2.01 -6.97 -0.34
C LEU B 246 -2.16 -8.47 -0.16
N LEU B 247 -3.01 -8.88 0.79
CA LEU B 247 -3.21 -10.28 1.08
C LEU B 247 -4.68 -10.68 1.23
N ARG B 248 -4.95 -11.96 1.09
CA ARG B 248 -6.31 -12.48 1.24
C ARG B 248 -6.68 -12.44 2.72
N GLY B 249 -7.98 -12.30 2.98
CA GLY B 249 -8.46 -12.23 4.34
C GLY B 249 -8.12 -13.42 5.23
N VAL B 250 -8.00 -14.61 4.65
CA VAL B 250 -7.68 -15.79 5.44
C VAL B 250 -6.39 -15.62 6.23
N VAL B 251 -5.40 -14.94 5.66
CA VAL B 251 -4.14 -14.75 6.37
C VAL B 251 -4.33 -13.88 7.61
N PHE B 252 -5.11 -12.83 7.49
CA PHE B 252 -5.38 -11.95 8.63
C PHE B 252 -6.09 -12.75 9.72
N GLU B 253 -7.11 -13.51 9.33
CA GLU B 253 -7.85 -14.32 10.31
C GLU B 253 -6.90 -15.32 10.97
N GLY B 254 -6.01 -15.91 10.18
CA GLY B 254 -5.05 -16.86 10.71
C GLY B 254 -4.13 -16.25 11.75
N CYS B 255 -3.82 -14.97 11.60
CA CYS B 255 -2.95 -14.30 12.56
C CYS B 255 -3.67 -13.89 13.84
N GLY B 256 -5.00 -13.96 13.82
CA GLY B 256 -5.76 -13.59 15.00
C GLY B 256 -6.31 -12.18 14.88
N MET B 257 -6.35 -11.66 13.66
CA MET B 257 -6.85 -10.32 13.40
C MET B 257 -8.29 -10.46 12.89
N THR B 258 -8.96 -9.35 12.64
CA THR B 258 -10.35 -9.42 12.18
C THR B 258 -10.61 -8.62 10.89
N PRO B 259 -10.44 -9.26 9.74
CA PRO B 259 -10.65 -8.63 8.42
C PRO B 259 -11.88 -7.73 8.34
N ASN B 260 -12.92 -8.13 9.06
CA ASN B 260 -14.17 -7.38 9.07
C ASN B 260 -14.99 -7.67 10.33
N ALA B 261 -14.73 -6.88 11.37
CA ALA B 261 -15.49 -6.94 12.59
C ALA B 261 -16.32 -5.75 12.18
N LYS B 262 -16.89 -5.01 13.06
CA LYS B 262 -17.60 -3.92 12.44
C LYS B 262 -16.75 -2.66 12.28
N PRO B 263 -16.30 -1.92 13.31
CA PRO B 263 -15.56 -0.95 12.43
C PRO B 263 -14.18 -1.71 12.27
N SER B 264 -13.81 -2.08 11.05
CA SER B 264 -12.55 -2.82 10.83
C SER B 264 -11.32 -1.94 10.64
N GLN B 265 -10.20 -2.39 11.20
CA GLN B 265 -8.93 -1.68 11.11
C GLN B 265 -8.22 -1.94 9.79
N ILE B 266 -8.77 -2.86 9.01
CA ILE B 266 -8.17 -3.25 7.73
C ILE B 266 -8.82 -2.64 6.49
N TYR B 267 -8.00 -2.00 5.66
CA TYR B 267 -8.47 -1.42 4.40
C TYR B 267 -8.58 -2.55 3.38
N ASN B 268 -9.69 -2.62 2.68
CA ASN B 268 -9.85 -3.66 1.66
C ASN B 268 -10.00 -2.99 0.30
N ILE B 269 -9.51 -3.65 -0.75
CA ILE B 269 -9.63 -3.12 -2.09
C ILE B 269 -11.07 -3.31 -2.53
N ASP B 270 -11.57 -2.39 -3.37
CA ASP B 270 -12.95 -2.44 -3.86
C ASP B 270 -13.35 -3.85 -4.29
N PRO B 271 -14.23 -4.50 -3.50
CA PRO B 271 -14.71 -5.87 -3.76
C PRO B 271 -15.41 -6.05 -5.11
N SER B 272 -15.97 -4.96 -5.64
CA SER B 272 -16.67 -5.03 -6.91
C SER B 272 -15.71 -5.01 -8.10
N ARG B 273 -14.42 -4.78 -7.81
CA ARG B 273 -13.42 -4.74 -8.87
C ARG B 273 -12.33 -5.79 -8.68
N PHE B 274 -11.97 -6.05 -7.42
CA PHE B 274 -10.93 -7.02 -7.10
C PHE B 274 -11.33 -7.88 -5.93
N GLU B 275 -11.29 -9.19 -6.12
CA GLU B 275 -11.68 -10.14 -5.10
C GLU B 275 -10.67 -10.36 -3.97
N ASP B 276 -11.18 -10.29 -2.74
CA ASP B 276 -10.42 -10.56 -1.53
C ASP B 276 -8.96 -10.06 -1.46
N LEU B 277 -8.77 -8.75 -1.48
CA LEU B 277 -7.42 -8.17 -1.37
C LEU B 277 -7.48 -7.12 -0.27
N ASN B 278 -6.57 -7.23 0.69
CA ASN B 278 -6.55 -6.33 1.84
C ASN B 278 -5.15 -5.84 2.15
N LEU B 279 -5.04 -4.60 2.60
CA LEU B 279 -3.76 -4.01 2.97
C LEU B 279 -3.41 -4.44 4.39
N ALA B 280 -2.17 -4.86 4.61
CA ALA B 280 -1.75 -5.29 5.93
C ALA B 280 -1.36 -4.12 6.82
N GLY B 281 -1.59 -4.27 8.13
CA GLY B 281 -1.25 -3.23 9.07
C GLY B 281 0.13 -3.49 9.68
N THR B 282 0.73 -4.61 9.27
CA THR B 282 2.04 -5.03 9.76
C THR B 282 2.58 -6.16 8.89
N ALA B 283 3.90 -6.21 8.71
CA ALA B 283 4.52 -7.25 7.90
C ALA B 283 4.28 -8.64 8.51
N GLU B 284 3.83 -8.66 9.75
CA GLU B 284 3.53 -9.93 10.43
C GLU B 284 2.55 -10.75 9.59
N VAL B 285 1.60 -10.08 8.94
CA VAL B 285 0.62 -10.79 8.12
C VAL B 285 1.29 -11.49 6.94
N GLY B 286 2.07 -10.73 6.16
CA GLY B 286 2.75 -11.32 5.02
C GLY B 286 3.71 -12.42 5.42
N LEU B 287 4.41 -12.21 6.54
CA LEU B 287 5.35 -13.21 7.03
C LEU B 287 4.63 -14.51 7.39
N ALA B 288 3.49 -14.41 8.06
CA ALA B 288 2.72 -15.61 8.42
C ALA B 288 2.26 -16.31 7.13
N GLY B 289 1.89 -15.50 6.13
CA GLY B 289 1.46 -16.03 4.86
C GLY B 289 2.53 -16.82 4.14
N TYR B 290 3.78 -16.46 4.38
CA TYR B 290 4.91 -17.16 3.74
C TYR B 290 5.02 -18.59 4.26
N PHE B 291 4.81 -18.75 5.57
CA PHE B 291 4.91 -20.06 6.20
C PHE B 291 3.66 -20.92 6.13
N MET B 292 2.53 -20.29 5.81
CA MET B 292 1.26 -20.99 5.72
C MET B 292 1.33 -22.26 4.88
N ASP B 293 0.80 -23.36 5.42
CA ASP B 293 0.77 -24.65 4.73
C ASP B 293 2.14 -25.24 4.38
N HIS B 294 3.18 -24.81 5.07
CA HIS B 294 4.52 -25.32 4.80
C HIS B 294 5.22 -25.74 6.08
N SER B 295 6.23 -26.58 5.94
CA SER B 295 7.00 -27.03 7.09
C SER B 295 8.44 -26.56 6.92
N VAL B 296 9.06 -26.17 8.03
CA VAL B 296 10.45 -25.75 8.03
C VAL B 296 11.21 -26.91 8.67
N ALA B 297 12.50 -26.99 8.39
CA ALA B 297 13.31 -28.07 8.95
C ALA B 297 13.71 -27.79 10.41
N PHE B 298 13.65 -28.82 11.24
CA PHE B 298 13.99 -28.70 12.64
C PHE B 298 15.38 -28.10 12.80
N ARG B 299 16.32 -28.53 11.97
CA ARG B 299 17.69 -28.04 12.05
C ARG B 299 17.84 -26.53 11.86
N ASP B 300 16.83 -25.89 11.27
CA ASP B 300 16.88 -24.45 11.04
C ASP B 300 16.29 -23.63 12.18
N LEU B 301 15.63 -24.29 13.12
CA LEU B 301 15.04 -23.58 14.25
C LEU B 301 16.10 -23.07 15.22
N PRO B 302 15.92 -21.85 15.76
CA PRO B 302 14.78 -20.97 15.48
C PRO B 302 15.00 -20.15 14.22
N ILE B 303 13.92 -19.89 13.50
CA ILE B 303 14.00 -19.08 12.28
C ILE B 303 13.74 -17.64 12.68
N ARG B 304 14.67 -16.76 12.32
CA ARG B 304 14.55 -15.34 12.65
C ARG B 304 14.50 -14.53 11.36
N MET B 305 13.42 -13.77 11.16
CA MET B 305 13.30 -12.96 9.96
C MET B 305 13.05 -11.50 10.27
N VAL B 306 13.51 -10.61 9.39
CA VAL B 306 13.30 -9.18 9.57
C VAL B 306 12.73 -8.65 8.26
N CYS B 307 11.72 -7.78 8.37
CA CYS B 307 11.07 -7.24 7.18
C CYS B 307 10.59 -5.81 7.34
N SER B 308 10.90 -4.99 6.34
CA SER B 308 10.46 -3.60 6.36
C SER B 308 9.30 -3.50 5.36
N SER B 309 8.21 -2.86 5.77
CA SER B 309 7.08 -2.71 4.87
C SER B 309 6.25 -1.50 5.23
N THR B 310 5.42 -1.07 4.29
CA THR B 310 4.52 0.05 4.54
C THR B 310 3.28 -0.59 5.14
N CYS B 311 2.81 -0.02 6.24
CA CYS B 311 1.64 -0.53 6.96
C CYS B 311 0.49 0.43 6.82
N TYR B 312 -0.72 -0.11 6.74
CA TYR B 312 -1.93 0.70 6.59
C TYR B 312 -2.93 0.32 7.67
N ARG B 313 -3.49 1.31 8.35
CA ARG B 313 -4.48 1.05 9.38
C ARG B 313 -5.58 2.10 9.33
N ALA B 314 -6.83 1.63 9.26
CA ALA B 314 -7.98 2.51 9.19
C ALA B 314 -8.17 3.34 10.46
N GLU B 315 -7.77 2.79 11.59
CA GLU B 315 -7.86 3.46 12.89
C GLU B 315 -9.23 4.07 13.18
N THR B 316 -10.27 3.26 13.04
CA THR B 316 -11.63 3.72 13.31
C THR B 316 -11.91 3.42 14.78
N ASP B 317 -12.78 4.21 15.39
CA ASP B 317 -13.16 4.04 16.79
C ASP B 317 -11.99 4.04 17.78
N THR B 318 -10.79 4.33 17.30
CA THR B 318 -9.63 4.35 18.18
C THR B 318 -9.28 5.78 18.61
N GLY B 319 -8.28 5.90 19.47
CA GLY B 319 -7.86 7.20 19.96
C GLY B 319 -7.94 8.33 18.95
N LYS B 320 -8.48 9.47 19.38
CA LYS B 320 -8.62 10.62 18.51
C LYS B 320 -7.32 11.41 18.41
N GLU B 321 -6.62 11.26 17.29
CA GLU B 321 -5.36 11.95 17.05
C GLU B 321 -5.42 12.59 15.67
N PRO B 322 -6.28 13.62 15.51
CA PRO B 322 -6.43 14.32 14.23
C PRO B 322 -5.13 14.87 13.65
N TRP B 323 -4.29 15.45 14.51
CA TRP B 323 -3.02 16.00 14.05
C TRP B 323 -1.84 15.34 14.77
N GLY B 324 -0.70 15.32 14.09
CA GLY B 324 0.47 14.69 14.67
C GLY B 324 0.59 13.28 14.13
N LEU B 325 1.71 12.63 14.39
CA LEU B 325 1.97 11.29 13.88
C LEU B 325 1.67 10.13 14.82
N TYR B 326 0.98 10.39 15.93
CA TYR B 326 0.74 9.30 16.87
C TYR B 326 -0.15 8.16 16.39
N ARG B 327 -1.21 8.47 15.65
CA ARG B 327 -2.10 7.43 15.14
C ARG B 327 -2.46 7.75 13.69
N VAL B 328 -1.53 7.46 12.79
CA VAL B 328 -1.73 7.73 11.37
C VAL B 328 -2.24 6.52 10.60
N HIS B 329 -2.65 6.74 9.35
CA HIS B 329 -3.18 5.66 8.52
C HIS B 329 -2.13 4.89 7.72
N HIS B 330 -0.97 5.50 7.52
CA HIS B 330 0.10 4.86 6.75
C HIS B 330 1.44 5.11 7.43
N PHE B 331 2.29 4.09 7.48
CA PHE B 331 3.60 4.26 8.09
C PHE B 331 4.51 3.08 7.81
N THR B 332 5.81 3.30 7.96
CA THR B 332 6.79 2.25 7.71
C THR B 332 7.20 1.61 9.02
N LYS B 333 7.29 0.28 9.01
CA LYS B 333 7.69 -0.46 10.20
C LYS B 333 8.59 -1.64 9.84
N VAL B 334 9.66 -1.81 10.61
CA VAL B 334 10.56 -2.94 10.41
C VAL B 334 10.10 -3.94 11.46
N GLU B 335 9.78 -5.15 11.00
CA GLU B 335 9.23 -6.20 11.85
C GLU B 335 10.17 -7.38 12.07
N MET B 336 10.13 -7.94 13.29
CA MET B 336 10.90 -9.14 13.63
C MET B 336 9.85 -10.25 13.71
N PHE B 337 10.16 -11.41 13.13
CA PHE B 337 9.23 -12.53 13.14
C PHE B 337 10.02 -13.81 13.38
N GLY B 338 9.51 -14.65 14.27
CA GLY B 338 10.21 -15.89 14.56
C GLY B 338 9.34 -17.12 14.52
N VAL B 339 9.94 -18.23 14.08
CA VAL B 339 9.25 -19.50 14.01
C VAL B 339 10.17 -20.43 14.80
N THR B 340 9.67 -21.04 15.86
CA THR B 340 10.58 -21.89 16.59
C THR B 340 10.06 -23.20 17.13
N GLY B 341 11.02 -23.85 17.79
CA GLY B 341 10.98 -25.14 18.45
C GLY B 341 9.74 -25.91 18.70
N PRO B 342 9.86 -27.00 19.47
CA PRO B 342 8.68 -27.82 19.75
C PRO B 342 7.77 -27.18 20.78
N GLY B 343 8.32 -26.44 21.74
CA GLY B 343 7.47 -25.88 22.76
C GLY B 343 7.69 -24.49 23.35
N LEU B 344 7.04 -24.28 24.50
CA LEU B 344 7.10 -23.02 25.22
C LEU B 344 8.47 -22.52 25.63
N GLU B 345 9.37 -23.42 26.00
CA GLU B 345 10.69 -22.95 26.41
C GLU B 345 11.35 -22.19 25.27
N GLN B 346 11.20 -22.71 24.06
CA GLN B 346 11.79 -22.08 22.89
C GLN B 346 11.11 -20.76 22.52
N SER B 347 9.78 -20.74 22.50
CA SER B 347 9.08 -19.53 22.13
C SER B 347 9.18 -18.45 23.21
N SER B 348 9.21 -18.86 24.48
CA SER B 348 9.33 -17.89 25.55
C SER B 348 10.72 -17.25 25.50
N GLU B 349 11.73 -18.06 25.20
CA GLU B 349 13.09 -17.52 25.12
C GLU B 349 13.24 -16.59 23.93
N LEU B 350 12.62 -16.94 22.80
CA LEU B 350 12.73 -16.09 21.62
C LEU B 350 12.06 -14.74 21.86
N LEU B 351 10.95 -14.75 22.61
CA LEU B 351 10.25 -13.51 22.93
C LEU B 351 11.18 -12.63 23.78
N GLU B 352 11.88 -13.25 24.73
CA GLU B 352 12.82 -12.52 25.58
C GLU B 352 13.94 -11.93 24.72
N GLU B 353 14.40 -12.70 23.74
CA GLU B 353 15.46 -12.24 22.84
C GLU B 353 14.99 -11.01 22.06
N PHE B 354 13.81 -11.12 21.46
CA PHE B 354 13.26 -10.01 20.68
C PHE B 354 13.14 -8.77 21.55
N LEU B 355 12.63 -8.93 22.76
CA LEU B 355 12.49 -7.80 23.67
C LEU B 355 13.85 -7.17 23.96
N SER B 356 14.86 -7.99 24.21
CA SER B 356 16.19 -7.43 24.51
C SER B 356 16.71 -6.61 23.35
N LEU B 357 16.40 -7.04 22.13
CA LEU B 357 16.83 -6.32 20.93
C LEU B 357 16.12 -4.98 20.84
N GLN B 358 14.83 -4.96 21.16
CA GLN B 358 14.09 -3.70 21.13
C GLN B 358 14.68 -2.73 22.15
N MET B 359 15.02 -3.24 23.32
CA MET B 359 15.61 -2.39 24.35
C MET B 359 16.95 -1.83 23.89
N GLU B 360 17.73 -2.65 23.18
CA GLU B 360 19.03 -2.20 22.67
C GLU B 360 18.85 -1.06 21.68
N ILE B 361 17.90 -1.21 20.76
CA ILE B 361 17.63 -0.19 19.75
C ILE B 361 17.24 1.14 20.38
N LEU B 362 16.30 1.11 21.31
CA LEU B 362 15.85 2.34 21.97
C LEU B 362 16.93 2.96 22.84
N THR B 363 17.76 2.11 23.46
CA THR B 363 18.83 2.62 24.31
C THR B 363 19.88 3.31 23.44
N GLU B 364 20.19 2.70 22.29
CA GLU B 364 21.19 3.28 21.39
C GLU B 364 20.70 4.58 20.78
N LEU B 365 19.38 4.77 20.72
CA LEU B 365 18.81 6.01 20.19
C LEU B 365 18.79 7.07 21.30
N GLY B 366 19.15 6.65 22.52
CA GLY B 366 19.19 7.56 23.65
C GLY B 366 17.85 8.04 24.18
N LEU B 367 16.82 7.21 24.04
CA LEU B 367 15.50 7.57 24.51
C LEU B 367 15.19 7.04 25.91
N HIS B 368 14.33 7.75 26.62
CA HIS B 368 13.89 7.36 27.96
C HIS B 368 12.66 6.48 27.68
N PHE B 369 12.62 5.29 28.27
CA PHE B 369 11.48 4.40 28.04
C PHE B 369 11.19 3.46 29.20
N ARG B 370 10.03 2.83 29.13
CA ARG B 370 9.55 1.88 30.15
C ARG B 370 9.08 0.60 29.44
N VAL B 371 9.47 -0.55 30.00
CA VAL B 371 9.07 -1.85 29.45
C VAL B 371 7.88 -2.35 30.26
N LEU B 372 6.83 -2.80 29.57
CA LEU B 372 5.61 -3.25 30.24
C LEU B 372 5.20 -4.69 29.97
N ASP B 373 4.70 -5.35 31.00
CA ASP B 373 4.17 -6.71 30.89
C ASP B 373 2.69 -6.43 30.72
N MET B 374 2.15 -6.65 29.52
CA MET B 374 0.75 -6.35 29.26
C MET B 374 -0.23 -7.29 29.92
N PRO B 375 -1.33 -6.74 30.46
CA PRO B 375 -2.37 -7.50 31.16
C PRO B 375 -3.33 -8.33 30.31
N THR B 376 -4.09 -9.20 30.98
CA THR B 376 -5.02 -10.10 30.31
C THR B 376 -5.96 -9.49 29.29
N GLN B 377 -6.50 -8.30 29.56
CA GLN B 377 -7.43 -7.69 28.61
C GLN B 377 -6.75 -7.05 27.41
N GLU B 378 -5.42 -6.98 27.43
CA GLU B 378 -4.66 -6.37 26.35
C GLU B 378 -3.78 -7.32 25.54
N LEU B 379 -3.98 -8.61 25.73
CA LEU B 379 -3.20 -9.60 25.01
C LEU B 379 -3.74 -9.76 23.59
N GLY B 380 -5.06 -9.62 23.47
CA GLY B 380 -5.71 -9.77 22.18
C GLY B 380 -6.21 -11.19 22.05
N LEU B 381 -6.18 -11.71 20.83
CA LEU B 381 -6.63 -13.07 20.62
C LEU B 381 -5.47 -14.05 20.49
N PRO B 382 -4.44 -13.71 19.69
CA PRO B 382 -3.31 -14.62 19.51
C PRO B 382 -2.19 -14.70 20.55
N ALA B 383 -2.06 -13.66 21.36
CA ALA B 383 -0.99 -13.60 22.34
C ALA B 383 -1.12 -14.40 23.63
N TYR B 384 -0.03 -15.09 23.98
CA TYR B 384 0.08 -15.89 25.20
C TYR B 384 0.80 -15.01 26.24
N ARG B 385 1.71 -14.17 25.76
CA ARG B 385 2.48 -13.24 26.58
C ARG B 385 2.78 -12.05 25.67
N LYS B 386 2.77 -10.83 26.22
CA LYS B 386 3.02 -9.65 25.41
C LYS B 386 3.75 -8.57 26.19
N PHE B 387 4.88 -8.12 25.66
CA PHE B 387 5.68 -7.06 26.27
C PHE B 387 5.67 -5.86 25.35
N ASP B 388 5.30 -4.70 25.89
CA ASP B 388 5.28 -3.47 25.11
C ASP B 388 6.31 -2.50 25.70
N ILE B 389 6.76 -1.56 24.88
CA ILE B 389 7.69 -0.55 25.38
C ILE B 389 7.10 0.81 25.04
N GLU B 390 7.05 1.69 26.02
CA GLU B 390 6.55 3.04 25.81
C GLU B 390 7.73 3.99 25.94
N ALA B 391 7.85 4.91 24.98
CA ALA B 391 8.92 5.90 25.03
C ALA B 391 8.37 7.22 25.54
N TRP B 392 9.18 7.93 26.31
CA TRP B 392 8.77 9.23 26.83
C TRP B 392 8.78 10.23 25.68
N MET B 393 7.71 10.98 25.54
CA MET B 393 7.58 11.99 24.47
C MET B 393 7.34 13.33 25.18
N PRO B 394 8.42 14.09 25.44
CA PRO B 394 8.38 15.39 26.12
C PRO B 394 7.29 16.37 25.72
N GLY B 395 7.09 16.56 24.42
CA GLY B 395 6.10 17.49 23.92
C GLY B 395 4.67 17.01 24.11
N ARG B 396 4.45 15.73 23.85
CA ARG B 396 3.14 15.13 24.03
C ARG B 396 2.89 15.09 25.53
N GLY B 397 3.98 15.03 26.29
CA GLY B 397 3.90 14.99 27.75
C GLY B 397 3.43 13.65 28.28
N ARG B 398 3.70 12.59 27.53
CA ARG B 398 3.27 11.27 27.94
C ARG B 398 4.20 10.18 27.44
N PHE B 399 4.06 9.01 28.04
CA PHE B 399 4.79 7.84 27.60
C PHE B 399 3.89 7.28 26.51
N GLY B 400 4.46 6.91 25.37
CA GLY B 400 3.65 6.38 24.29
C GLY B 400 4.25 5.10 23.77
N GLU B 401 3.40 4.11 23.51
CA GLU B 401 3.86 2.82 23.00
C GLU B 401 4.60 2.94 21.67
N VAL B 402 5.83 2.44 21.62
CA VAL B 402 6.60 2.47 20.37
C VAL B 402 6.83 1.07 19.82
N THR B 403 6.71 0.05 20.67
CA THR B 403 6.90 -1.34 20.23
C THR B 403 6.03 -2.30 21.01
N SER B 404 5.78 -3.46 20.41
CA SER B 404 5.04 -4.54 21.06
C SER B 404 5.78 -5.82 20.66
N ALA B 405 5.67 -6.84 21.49
CA ALA B 405 6.34 -8.12 21.22
C ALA B 405 5.41 -9.17 21.79
N SER B 406 5.04 -10.15 20.98
CA SER B 406 4.11 -11.18 21.40
C SER B 406 4.53 -12.61 21.08
N ASN B 407 4.32 -13.50 22.03
CA ASN B 407 4.58 -14.91 21.80
C ASN B 407 3.17 -15.44 21.51
N CYS B 408 2.95 -15.93 20.30
CA CYS B 408 1.64 -16.44 19.91
C CYS B 408 1.58 -17.96 19.99
N THR B 409 2.58 -18.56 20.63
CA THR B 409 2.70 -20.01 20.76
C THR B 409 2.18 -20.70 19.48
N ASP B 410 1.23 -21.63 19.61
CA ASP B 410 0.74 -22.31 18.40
C ASP B 410 -0.62 -21.82 17.90
N PHE B 411 -1.02 -20.61 18.30
CA PHE B 411 -2.31 -20.08 17.88
C PHE B 411 -2.36 -19.84 16.37
N GLN B 412 -1.36 -19.17 15.84
CA GLN B 412 -1.34 -18.89 14.40
C GLN B 412 -0.98 -20.13 13.59
N SER B 413 -0.04 -20.92 14.10
CA SER B 413 0.40 -22.12 13.39
C SER B 413 -0.68 -23.18 13.24
N ARG B 414 -1.59 -23.27 14.23
CA ARG B 414 -2.66 -24.26 14.16
C ARG B 414 -3.75 -23.82 13.18
N ARG B 415 -3.80 -22.52 12.90
CA ARG B 415 -4.79 -21.98 11.95
C ARG B 415 -4.25 -21.94 10.53
N LEU B 416 -2.96 -21.64 10.39
CA LEU B 416 -2.33 -21.54 9.08
C LEU B 416 -1.41 -22.72 8.73
N HIS B 417 -1.42 -23.74 9.58
CA HIS B 417 -0.61 -24.93 9.38
C HIS B 417 0.87 -24.63 9.13
N ILE B 418 1.47 -23.94 10.09
CA ILE B 418 2.89 -23.59 10.05
C ILE B 418 3.57 -24.67 10.87
N MET B 419 4.22 -25.61 10.19
CA MET B 419 4.85 -26.74 10.85
C MET B 419 6.37 -26.77 10.78
N PHE B 420 6.96 -27.65 11.58
CA PHE B 420 8.40 -27.89 11.52
C PHE B 420 8.52 -29.40 11.38
N GLN B 421 9.59 -29.82 10.70
CA GLN B 421 9.80 -31.21 10.38
C GLN B 421 11.15 -31.76 10.84
N THR B 422 11.12 -32.88 11.54
CA THR B 422 12.35 -33.51 12.01
C THR B 422 13.04 -34.13 10.80
N GLU B 423 14.27 -34.59 10.98
CA GLU B 423 15.02 -35.20 9.89
C GLU B 423 14.25 -36.37 9.29
N ALA B 424 13.51 -37.08 10.14
CA ALA B 424 12.73 -38.24 9.71
C ALA B 424 11.48 -37.88 8.91
N GLY B 425 10.96 -36.67 9.13
CA GLY B 425 9.77 -36.25 8.40
C GLY B 425 8.54 -36.00 9.25
N GLU B 426 8.65 -36.24 10.56
CA GLU B 426 7.54 -36.04 11.48
C GLU B 426 7.18 -34.55 11.57
N LEU B 427 5.88 -34.25 11.46
CA LEU B 427 5.41 -32.87 11.51
C LEU B 427 4.79 -32.47 12.85
N GLN B 428 5.08 -31.25 13.28
CA GLN B 428 4.56 -30.70 14.53
C GLN B 428 4.27 -29.23 14.31
N PHE B 429 3.34 -28.66 15.08
CA PHE B 429 3.02 -27.25 14.96
C PHE B 429 4.15 -26.41 15.57
N ALA B 430 4.62 -25.42 14.83
CA ALA B 430 5.67 -24.56 15.34
C ALA B 430 5.03 -23.49 16.20
N HIS B 431 5.85 -22.67 16.84
CA HIS B 431 5.32 -21.56 17.62
C HIS B 431 5.78 -20.33 16.85
N THR B 432 5.01 -19.25 16.91
CA THR B 432 5.40 -18.04 16.22
C THR B 432 5.49 -16.89 17.21
N VAL B 433 6.43 -15.99 16.96
CA VAL B 433 6.68 -14.83 17.81
C VAL B 433 6.85 -13.62 16.89
N ASN B 434 6.36 -12.46 17.30
CA ASN B 434 6.53 -11.27 16.48
C ASN B 434 6.89 -10.09 17.37
N ALA B 435 7.62 -9.13 16.82
CA ALA B 435 8.01 -7.97 17.59
C ALA B 435 8.40 -6.80 16.70
N THR B 436 8.08 -5.60 17.16
CA THR B 436 8.41 -4.40 16.42
C THR B 436 9.91 -4.13 16.46
N GLY B 437 10.53 -3.97 15.28
CA GLY B 437 11.95 -3.64 15.24
C GLY B 437 11.98 -2.13 15.39
N CYS B 438 11.19 -1.46 14.55
CA CYS B 438 11.06 -0.01 14.62
C CYS B 438 9.86 0.47 13.83
N ALA B 439 9.00 1.23 14.50
CA ALA B 439 7.81 1.80 13.86
C ALA B 439 8.16 3.29 13.80
N VAL B 440 8.30 3.81 12.59
CA VAL B 440 8.74 5.19 12.43
C VAL B 440 8.00 6.38 13.05
N PRO B 441 6.68 6.49 12.84
CA PRO B 441 5.93 7.63 13.41
C PRO B 441 6.22 8.03 14.85
N ARG B 442 6.00 7.13 15.78
CA ARG B 442 6.20 7.45 17.18
C ARG B 442 7.66 7.60 17.58
N LEU B 443 8.57 7.01 16.81
CA LEU B 443 9.98 7.19 17.11
C LEU B 443 10.33 8.61 16.66
N LEU B 444 9.71 9.08 15.57
CA LEU B 444 9.98 10.44 15.12
C LEU B 444 9.48 11.40 16.22
N ILE B 445 8.32 11.08 16.79
CA ILE B 445 7.78 11.92 17.86
C ILE B 445 8.77 11.97 19.03
N ALA B 446 9.17 10.80 19.52
CA ALA B 446 10.09 10.73 20.64
C ALA B 446 11.44 11.38 20.36
N LEU B 447 11.99 11.14 19.17
CA LEU B 447 13.28 11.73 18.82
C LEU B 447 13.22 13.25 18.69
N LEU B 448 12.27 13.74 17.90
CA LEU B 448 12.15 15.18 17.71
C LEU B 448 11.90 15.91 19.02
N GLU B 449 11.02 15.35 19.86
CA GLU B 449 10.69 15.99 21.12
C GLU B 449 11.78 15.86 22.20
N SER B 450 12.57 14.80 22.14
CA SER B 450 13.62 14.60 23.14
C SER B 450 14.92 15.33 22.82
N TYR B 451 15.18 15.53 21.54
CA TYR B 451 16.41 16.18 21.11
C TYR B 451 16.26 17.63 20.67
N GLN B 452 15.04 18.17 20.80
CA GLN B 452 14.79 19.55 20.40
C GLN B 452 15.63 20.52 21.23
N GLN B 453 16.00 21.63 20.60
CA GLN B 453 16.80 22.68 21.22
C GLN B 453 15.97 23.95 21.30
N LYS B 454 16.38 24.87 22.16
CA LYS B 454 15.64 26.11 22.33
C LYS B 454 15.47 26.91 21.04
N ASP B 455 16.50 26.94 20.21
CA ASP B 455 16.43 27.69 18.96
C ASP B 455 15.63 27.00 17.86
N GLY B 456 15.01 25.88 18.20
CA GLY B 456 14.20 25.16 17.21
C GLY B 456 14.91 24.05 16.47
N SER B 457 16.23 23.97 16.58
CA SER B 457 16.98 22.92 15.91
C SER B 457 16.80 21.63 16.69
N VAL B 458 17.17 20.52 16.07
CA VAL B 458 17.05 19.22 16.72
C VAL B 458 18.37 18.47 16.59
N LEU B 459 18.93 18.05 17.71
CA LEU B 459 20.18 17.29 17.66
C LEU B 459 19.92 15.88 17.17
N VAL B 460 20.90 15.33 16.45
CA VAL B 460 20.78 13.98 15.91
C VAL B 460 21.55 12.98 16.77
N PRO B 461 20.88 11.91 17.21
CA PRO B 461 21.54 10.89 18.03
C PRO B 461 22.73 10.34 17.25
N PRO B 462 23.87 10.13 17.92
CA PRO B 462 25.06 9.60 17.23
C PRO B 462 24.78 8.40 16.34
N ALA B 463 23.91 7.51 16.78
CA ALA B 463 23.58 6.32 16.01
C ALA B 463 22.99 6.65 14.64
N LEU B 464 22.29 7.76 14.54
CA LEU B 464 21.69 8.14 13.27
C LEU B 464 22.47 9.17 12.45
N GLN B 465 23.55 9.70 13.02
CA GLN B 465 24.34 10.70 12.32
C GLN B 465 24.88 10.25 10.96
N PRO B 466 25.33 8.97 10.85
CA PRO B 466 25.85 8.49 9.56
C PRO B 466 24.80 8.56 8.45
N TYR B 467 23.52 8.45 8.83
CA TYR B 467 22.42 8.48 7.87
C TYR B 467 21.93 9.91 7.58
N LEU B 468 22.10 10.80 8.56
CA LEU B 468 21.67 12.19 8.42
C LEU B 468 22.76 13.07 7.82
N GLY B 469 24.02 12.67 8.00
CA GLY B 469 25.12 13.46 7.47
C GLY B 469 25.34 14.74 8.25
N THR B 470 24.74 14.84 9.43
CA THR B 470 24.89 16.02 10.28
C THR B 470 24.54 15.63 11.71
N ASP B 471 24.98 16.45 12.67
CA ASP B 471 24.70 16.18 14.07
C ASP B 471 23.59 17.10 14.58
N ARG B 472 23.06 17.95 13.71
CA ARG B 472 22.00 18.88 14.09
C ARG B 472 21.15 19.28 12.89
N ILE B 473 19.84 19.12 13.04
CA ILE B 473 18.89 19.49 11.99
C ILE B 473 18.52 20.95 12.19
N THR B 474 18.72 21.76 11.16
CA THR B 474 18.44 23.19 11.24
C THR B 474 17.46 23.66 10.17
N THR B 475 17.08 24.94 10.23
CA THR B 475 16.15 25.51 9.26
C THR B 475 16.71 25.32 7.85
N PRO B 476 15.89 24.83 6.91
CA PRO B 476 16.27 24.59 5.52
C PRO B 476 16.59 25.87 4.74
N THR B 477 17.19 25.69 3.57
CA THR B 477 17.56 26.81 2.71
C THR B 477 16.40 27.20 1.78
N HIS B 478 15.60 26.22 1.39
CA HIS B 478 14.48 26.46 0.48
C HIS B 478 13.39 27.33 1.10
N VAL B 479 12.61 27.95 0.22
CA VAL B 479 11.50 28.77 0.69
C VAL B 479 10.30 27.83 0.82
N PRO B 480 9.66 27.80 1.99
CA PRO B 480 8.51 26.93 2.17
C PRO B 480 7.40 27.17 1.15
N LEU B 481 6.69 26.12 0.78
CA LEU B 481 5.59 26.24 -0.18
C LEU B 481 4.59 27.26 0.32
N GLN B 482 4.00 28.00 -0.61
CA GLN B 482 3.00 28.99 -0.26
C GLN B 482 1.69 28.57 -0.92
N TYR B 483 0.63 28.50 -0.12
CA TYR B 483 -0.67 28.10 -0.62
C TYR B 483 -1.26 29.18 -1.50
N ILE B 484 -1.63 28.81 -2.73
CA ILE B 484 -2.20 29.76 -3.67
C ILE B 484 -3.59 29.33 -4.15
N GLY B 485 -4.20 28.41 -3.41
CA GLY B 485 -5.52 27.92 -3.76
C GLY B 485 -6.60 28.94 -3.37
N PRO B 486 -7.87 28.67 -3.71
CA PRO B 486 -9.01 29.53 -3.42
C PRO B 486 -9.42 29.61 -1.94
N ASN B 487 -9.30 28.49 -1.24
CA ASN B 487 -9.69 28.41 0.17
C ASN B 487 -8.81 29.17 1.15
N GLN B 488 -8.74 30.49 1.02
CA GLN B 488 -7.95 31.32 1.92
C GLN B 488 -8.51 32.74 2.00
N PRO B 489 -8.43 33.35 3.19
CA PRO B 489 -8.91 34.71 3.48
C PRO B 489 -8.35 35.81 2.60
N GLN B 490 -9.25 36.63 2.06
CA GLN B 490 -8.89 37.76 1.20
C GLN B 490 -10.09 38.68 1.03
PA SRP C . 6.37 4.14 -15.90
O1A SRP C . 5.18 3.51 -15.39
O2A SRP C . 7.03 3.73 -17.13
O3A SRP C . 6.93 5.42 -15.18
O5' SRP C . 7.02 3.21 -14.98
C5' SRP C . 7.96 2.69 -14.31
C4' SRP C . 9.14 1.81 -14.15
O4' SRP C . 8.58 0.86 -13.22
C3' SRP C . 9.06 1.19 -15.53
O3' SRP C . 9.96 1.72 -16.50
C2' SRP C . 9.23 -0.30 -15.19
O2' SRP C . 10.61 -0.63 -15.19
C1' SRP C . 8.62 -0.48 -13.79
N9 SRP C . 7.24 -1.02 -13.79
C8 SRP C . 6.02 -0.43 -14.13
N7 SRP C . 4.99 -1.20 -14.00
C5 SRP C . 5.57 -2.38 -13.55
C6 SRP C . 5.02 -3.68 -13.20
N6 SRP C . 3.73 -3.93 -13.28
N1 SRP C . 5.88 -4.68 -12.77
C2 SRP C . 7.21 -4.44 -12.68
N3 SRP C . 7.85 -3.28 -12.98
C4 SRP C . 6.93 -2.28 -13.42
O SRP C . 5.92 5.51 -13.12
C SRP C . 6.54 6.11 -13.99
CA SRP C . 7.12 7.50 -13.72
N SRP C . 6.61 8.00 -12.43
CB SRP C . 8.65 7.45 -13.70
OG SRP C . 9.09 6.38 -12.85
PA SRP D . 1.20 -3.61 17.18
O1A SRP D . 0.16 -3.22 16.27
O2A SRP D . 1.25 -3.16 18.58
O3A SRP D . 2.22 -4.70 16.74
O5' SRP D . 1.92 -2.53 16.55
C5' SRP D . 2.93 -1.82 16.28
C4' SRP D . 3.85 -0.69 16.48
O4' SRP D . 3.46 0.12 15.36
C3' SRP D . 3.18 -0.11 17.70
O3' SRP D . 3.74 -0.46 18.96
C2' SRP D . 3.19 1.40 17.35
O2' SRP D . 4.40 1.99 17.79
C1' SRP D . 3.06 1.45 15.81
N9 SRP D . 1.71 1.74 15.32
C8 SRP D . 0.58 0.90 15.22
N7 SRP D . -0.48 1.49 14.73
C5 SRP D . 0.01 2.78 14.49
C6 SRP D . -0.61 3.97 13.94
N6 SRP D . -1.88 3.98 13.55
N1 SRP D . 0.16 5.11 13.82
C2 SRP D . 1.44 5.12 14.21
N3 SRP D . 2.13 4.09 14.75
C4 SRP D . 1.32 2.92 14.84
O SRP D . 1.97 -4.96 14.47
C SRP D . 2.35 -5.44 15.54
CA SRP D . 3.25 -6.68 15.57
N SRP D . 3.31 -7.29 14.23
CB SRP D . 4.66 -6.30 16.02
OG SRP D . 5.09 -5.11 15.37
#